data_6EUY
#
_entry.id   6EUY
#
_cell.length_a   49.461
_cell.length_b   112.322
_cell.length_c   201.088
_cell.angle_alpha   90.00
_cell.angle_beta   90.00
_cell.angle_gamma   90.00
#
_symmetry.space_group_name_H-M   'P 2 2 21'
#
loop_
_entity.id
_entity.type
_entity.pdbx_description
1 polymer 'Polymerase basic protein 2'
2 non-polymer '(2~{S},3~{S})-3-[[5-fluoranyl-2-(5-fluoranyl-1~{H}-pyrazolo[3,4-b]pyridin-3-yl)pyrimidin-4-yl]amino]bicyclo[2.2.2]octane-2-carboxylic acid'
3 non-polymer 'SULFATE ION'
#
_entity_poly.entity_id   1
_entity_poly.type   'polypeptide(L)'
_entity_poly.pdbx_seq_one_letter_code
;GGEVRNDDIDQSLIIAARNIVRRASVSADPLASLLEMCHSTQIGGTRMVDILRQNPTEEQAVDICKAAMGLRISSSFSFG
GFTFKRTSGSSIKREEEVLTGNLQTLKIRVHEGYEEFTMVGKRATAILRKATRRLVQLIVSGRDEQSIAEAIIVAMVFSQ
EDCMIKAVRGDLNFVNRANQRLNPMHQLLRHFQKDAKVLFQNWGIEHIDNVMGMVGVLPDMTPSTEMSMRGIRVSKMGVD
EYSSTERVVVSIDRFLRVRDQRGNVLLSPEEVSETHGTERLTITYSSSMM
;
_entity_poly.pdbx_strand_id   A,B,C
#
# COMPACT_ATOMS: atom_id res chain seq x y z
N ASN A 6 -24.86 3.93 -4.25
CA ASN A 6 -24.48 4.53 -5.53
C ASN A 6 -23.40 3.70 -6.20
N ASP A 7 -23.69 3.21 -7.41
CA ASP A 7 -22.76 2.34 -8.12
C ASP A 7 -21.63 3.13 -8.79
N ASP A 8 -21.80 4.43 -9.00
CA ASP A 8 -20.75 5.23 -9.64
C ASP A 8 -19.54 5.37 -8.72
N ILE A 9 -19.78 5.58 -7.42
CA ILE A 9 -18.67 5.66 -6.47
C ILE A 9 -17.87 4.37 -6.45
N ASP A 10 -18.57 3.25 -6.33
CA ASP A 10 -17.90 1.95 -6.28
C ASP A 10 -17.05 1.72 -7.52
N GLN A 11 -17.65 1.86 -8.70
CA GLN A 11 -16.91 1.66 -9.94
C GLN A 11 -15.61 2.45 -9.97
N SER A 12 -15.66 3.71 -9.52
CA SER A 12 -14.46 4.54 -9.52
C SER A 12 -13.53 4.18 -8.37
N LEU A 13 -14.09 3.89 -7.19
CA LEU A 13 -13.27 3.44 -6.06
C LEU A 13 -12.43 2.24 -6.44
N ILE A 14 -13.06 1.23 -7.05
CA ILE A 14 -12.33 0.05 -7.49
C ILE A 14 -11.23 0.45 -8.46
N ILE A 15 -11.57 1.27 -9.46
CA ILE A 15 -10.58 1.70 -10.43
C ILE A 15 -9.40 2.38 -9.73
N ALA A 16 -9.70 3.24 -8.77
CA ALA A 16 -8.64 3.92 -8.02
C ALA A 16 -7.83 2.94 -7.19
N ALA A 17 -8.53 2.07 -6.44
CA ALA A 17 -7.84 1.12 -5.56
C ALA A 17 -6.86 0.25 -6.34
N ARG A 18 -7.32 -0.30 -7.47
CA ARG A 18 -6.46 -1.19 -8.26
C ARG A 18 -5.18 -0.48 -8.68
N ASN A 19 -5.30 0.73 -9.25
CA ASN A 19 -4.12 1.48 -9.67
C ASN A 19 -3.18 1.72 -8.49
N ILE A 20 -3.73 2.07 -7.32
CA ILE A 20 -2.89 2.35 -6.15
C ILE A 20 -2.10 1.12 -5.75
N VAL A 21 -2.74 -0.06 -5.75
CA VAL A 21 -2.07 -1.27 -5.30
C VAL A 21 -0.95 -1.65 -6.27
N ARG A 22 -1.20 -1.55 -7.57
CA ARG A 22 -0.16 -1.86 -8.55
C ARG A 22 1.02 -0.90 -8.41
N ARG A 23 0.74 0.40 -8.29
CA ARG A 23 1.80 1.39 -8.18
C ARG A 23 2.56 1.26 -6.87
N ALA A 24 1.86 0.87 -5.80
CA ALA A 24 2.53 0.66 -4.51
C ALA A 24 3.36 -0.61 -4.54
N SER A 25 2.83 -1.68 -5.13
CA SER A 25 3.52 -2.97 -5.11
C SER A 25 4.94 -2.86 -5.65
N VAL A 26 5.17 -1.97 -6.62
CA VAL A 26 6.51 -1.81 -7.21
C VAL A 26 7.41 -0.91 -6.39
N SER A 27 6.95 -0.42 -5.23
CA SER A 27 7.78 0.37 -4.36
C SER A 27 8.62 -0.53 -3.46
N ALA A 28 9.63 0.08 -2.84
CA ALA A 28 10.44 -0.65 -1.87
C ALA A 28 9.65 -1.00 -0.62
N ASP A 29 8.79 -0.07 -0.16
CA ASP A 29 7.87 -0.30 0.96
C ASP A 29 6.45 -0.07 0.45
N PRO A 30 5.85 -1.07 -0.20
CA PRO A 30 4.50 -0.87 -0.76
C PRO A 30 3.48 -0.41 0.26
N LEU A 31 3.57 -0.87 1.51
CA LEU A 31 2.57 -0.48 2.50
C LEU A 31 2.61 1.01 2.77
N ALA A 32 3.80 1.54 3.05
CA ALA A 32 3.95 2.98 3.20
C ALA A 32 3.46 3.70 1.96
N SER A 33 3.89 3.25 0.78
N SER A 33 3.89 3.25 0.78
N SER A 33 3.90 3.24 0.78
CA SER A 33 3.50 3.89 -0.47
CA SER A 33 3.50 3.89 -0.47
CA SER A 33 3.49 3.89 -0.46
C SER A 33 1.98 3.86 -0.64
C SER A 33 1.98 3.86 -0.64
C SER A 33 1.98 3.87 -0.63
N LEU A 34 1.34 2.76 -0.25
CA LEU A 34 -0.11 2.65 -0.39
C LEU A 34 -0.83 3.59 0.57
N LEU A 35 -0.32 3.71 1.80
CA LEU A 35 -0.95 4.58 2.78
C LEU A 35 -0.85 6.04 2.36
N GLU A 36 0.27 6.41 1.73
CA GLU A 36 0.44 7.77 1.22
C GLU A 36 -0.59 8.07 0.13
N MET A 37 -0.76 7.14 -0.82
CA MET A 37 -1.65 7.39 -1.95
C MET A 37 -3.10 7.46 -1.52
N CYS A 38 -3.52 6.59 -0.61
CA CYS A 38 -4.91 6.60 -0.17
C CYS A 38 -5.27 7.87 0.59
N HIS A 39 -4.33 8.45 1.32
CA HIS A 39 -4.64 9.63 2.12
C HIS A 39 -4.93 10.84 1.23
N SER A 40 -4.18 11.00 0.14
CA SER A 40 -4.25 12.21 -0.68
C SER A 40 -5.11 12.05 -1.92
N THR A 41 -5.23 10.83 -2.47
CA THR A 41 -6.03 10.63 -3.67
C THR A 41 -7.50 10.93 -3.35
N GLN A 42 -8.18 11.57 -4.30
CA GLN A 42 -9.56 11.99 -4.13
C GLN A 42 -10.41 11.44 -5.27
N ILE A 43 -11.59 10.95 -4.92
CA ILE A 43 -12.54 10.39 -5.88
C ILE A 43 -13.79 11.25 -5.84
N GLY A 44 -14.08 11.92 -6.95
CA GLY A 44 -15.25 12.79 -7.00
C GLY A 44 -15.28 13.82 -5.89
N GLY A 45 -14.14 14.43 -5.62
CA GLY A 45 -14.05 15.43 -4.56
C GLY A 45 -13.69 14.91 -3.19
N THR A 46 -14.43 13.90 -2.71
CA THR A 46 -14.19 13.36 -1.38
C THR A 46 -12.84 12.64 -1.33
N ARG A 47 -12.24 12.66 -0.14
CA ARG A 47 -10.97 12.00 0.08
C ARG A 47 -11.17 10.49 0.16
N MET A 48 -10.20 9.73 -0.34
CA MET A 48 -10.38 8.29 -0.47
C MET A 48 -10.53 7.61 0.89
N VAL A 49 -9.63 7.93 1.82
CA VAL A 49 -9.72 7.41 3.18
C VAL A 49 -11.15 7.50 3.71
N ASP A 50 -11.81 8.65 3.48
CA ASP A 50 -13.17 8.82 3.97
C ASP A 50 -14.16 7.89 3.26
N ILE A 51 -13.86 7.52 2.02
CA ILE A 51 -14.73 6.58 1.30
C ILE A 51 -14.57 5.17 1.87
N LEU A 52 -13.34 4.69 1.97
CA LEU A 52 -13.09 3.35 2.48
C LEU A 52 -13.77 3.15 3.84
N ARG A 53 -13.75 4.17 4.68
CA ARG A 53 -14.34 4.08 6.01
C ARG A 53 -15.84 3.83 5.95
N GLN A 54 -16.53 4.41 4.95
CA GLN A 54 -17.98 4.33 4.88
C GLN A 54 -18.51 3.49 3.72
N ASN A 55 -17.68 3.15 2.74
CA ASN A 55 -18.18 2.42 1.59
C ASN A 55 -18.23 0.91 1.89
N PRO A 56 -19.27 0.21 1.47
CA PRO A 56 -19.39 -1.22 1.78
C PRO A 56 -18.72 -2.16 0.77
N THR A 57 -18.14 -1.64 -0.30
CA THR A 57 -17.60 -2.49 -1.36
C THR A 57 -16.56 -3.45 -0.81
N GLU A 58 -16.66 -4.72 -1.23
CA GLU A 58 -15.66 -5.74 -0.94
C GLU A 58 -15.00 -6.13 -2.25
N GLU A 59 -13.71 -5.82 -2.39
CA GLU A 59 -12.96 -6.12 -3.60
C GLU A 59 -11.49 -6.29 -3.23
N GLN A 60 -10.77 -7.04 -4.07
CA GLN A 60 -9.39 -7.38 -3.75
C GLN A 60 -8.57 -6.13 -3.43
N ALA A 61 -8.44 -5.23 -4.40
CA ALA A 61 -7.65 -4.02 -4.17
C ALA A 61 -8.26 -3.15 -3.08
N VAL A 62 -9.59 -3.04 -3.06
CA VAL A 62 -10.26 -2.20 -2.06
C VAL A 62 -10.00 -2.75 -0.67
N ASP A 63 -10.18 -4.07 -0.48
CA ASP A 63 -10.01 -4.65 0.85
C ASP A 63 -8.56 -4.63 1.28
N ILE A 64 -7.61 -4.62 0.34
CA ILE A 64 -6.22 -4.38 0.69
C ILE A 64 -6.07 -3.00 1.30
N CYS A 65 -6.62 -1.98 0.64
CA CYS A 65 -6.54 -0.62 1.16
C CYS A 65 -7.24 -0.50 2.51
N LYS A 66 -8.44 -1.08 2.62
CA LYS A 66 -9.14 -1.10 3.90
C LYS A 66 -8.29 -1.73 4.99
N ALA A 67 -7.72 -2.91 4.70
CA ALA A 67 -6.87 -3.58 5.69
C ALA A 67 -5.69 -2.70 6.08
N ALA A 68 -5.14 -1.94 5.12
CA ALA A 68 -3.95 -1.14 5.39
C ALA A 68 -4.19 -0.12 6.50
N MET A 69 -5.43 0.29 6.71
CA MET A 69 -5.79 1.22 7.77
C MET A 69 -6.73 0.58 8.78
N GLY A 70 -6.52 -0.72 9.04
CA GLY A 70 -7.16 -1.38 10.15
C GLY A 70 -8.65 -1.54 10.07
N LEU A 71 -9.22 -1.56 8.86
CA LEU A 71 -10.65 -1.76 8.69
C LEU A 71 -10.96 -3.25 8.52
N ARG A 72 -12.11 -3.66 9.05
CA ARG A 72 -12.56 -5.03 8.88
C ARG A 72 -12.95 -5.28 7.43
N ILE A 73 -12.69 -6.48 6.94
CA ILE A 73 -12.98 -6.86 5.57
C ILE A 73 -13.59 -8.26 5.54
N SER A 74 -14.04 -8.65 4.35
CA SER A 74 -14.61 -9.97 4.14
C SER A 74 -13.63 -11.06 4.54
N SER A 75 -14.13 -12.06 5.28
CA SER A 75 -13.31 -13.21 5.64
C SER A 75 -12.92 -14.05 4.44
N SER A 76 -13.72 -14.01 3.37
CA SER A 76 -13.41 -14.75 2.17
C SER A 76 -12.03 -14.38 1.64
N PHE A 77 -11.45 -15.29 0.87
CA PHE A 77 -10.12 -15.11 0.32
C PHE A 77 -10.14 -15.29 -1.19
N SER A 78 -9.19 -14.66 -1.86
CA SER A 78 -9.09 -14.67 -3.31
C SER A 78 -7.94 -15.58 -3.73
N PHE A 79 -8.21 -16.46 -4.70
CA PHE A 79 -7.17 -17.30 -5.29
C PHE A 79 -7.47 -17.46 -6.77
N GLY A 80 -6.48 -17.13 -7.60
CA GLY A 80 -6.68 -17.15 -9.05
C GLY A 80 -7.82 -16.28 -9.52
N GLY A 81 -8.06 -15.17 -8.84
CA GLY A 81 -9.13 -14.27 -9.19
C GLY A 81 -10.48 -14.64 -8.62
N PHE A 82 -10.65 -15.87 -8.16
CA PHE A 82 -11.93 -16.34 -7.64
C PHE A 82 -12.02 -16.12 -6.14
N THR A 83 -13.22 -15.75 -5.68
CA THR A 83 -13.47 -15.46 -4.27
C THR A 83 -14.04 -16.72 -3.62
N PHE A 84 -13.25 -17.33 -2.76
CA PHE A 84 -13.65 -18.53 -2.03
C PHE A 84 -14.38 -18.14 -0.74
N LYS A 85 -15.57 -18.71 -0.54
CA LYS A 85 -16.28 -18.58 0.72
C LYS A 85 -16.59 -19.97 1.24
N ARG A 86 -16.26 -20.20 2.52
CA ARG A 86 -16.42 -21.51 3.12
C ARG A 86 -17.87 -21.69 3.57
N THR A 87 -18.60 -22.56 2.88
CA THR A 87 -19.99 -22.81 3.23
C THR A 87 -20.14 -23.86 4.32
N SER A 88 -19.21 -24.81 4.39
CA SER A 88 -19.28 -25.85 5.42
C SER A 88 -17.90 -26.46 5.59
N GLY A 89 -17.64 -26.95 6.80
CA GLY A 89 -16.41 -27.67 7.08
C GLY A 89 -15.31 -26.77 7.61
N SER A 90 -14.14 -27.38 7.76
CA SER A 90 -12.97 -26.68 8.30
C SER A 90 -11.73 -27.49 7.97
N SER A 91 -10.57 -26.86 8.11
CA SER A 91 -9.29 -27.53 7.90
C SER A 91 -8.26 -26.92 8.85
N ILE A 92 -7.05 -27.49 8.81
CA ILE A 92 -5.90 -26.99 9.55
C ILE A 92 -4.68 -27.03 8.66
N LYS A 93 -3.69 -26.22 8.98
CA LYS A 93 -2.50 -26.12 8.15
C LYS A 93 -1.45 -27.11 8.61
N ARG A 94 -0.65 -27.58 7.64
CA ARG A 94 0.44 -28.49 7.92
C ARG A 94 1.45 -28.33 6.80
N GLU A 95 2.56 -27.65 7.08
CA GLU A 95 3.55 -27.35 6.06
C GLU A 95 4.23 -28.63 5.57
N GLU A 96 3.64 -29.26 4.55
CA GLU A 96 4.22 -30.45 3.94
C GLU A 96 5.24 -30.03 2.87
N GLU A 97 5.99 -31.01 2.37
CA GLU A 97 6.92 -30.79 1.27
C GLU A 97 6.63 -31.83 0.20
N VAL A 98 6.23 -31.38 -0.98
CA VAL A 98 5.85 -32.26 -2.07
C VAL A 98 6.87 -32.15 -3.18
N LEU A 99 6.75 -33.03 -4.18
CA LEU A 99 7.69 -33.14 -5.28
C LEU A 99 6.92 -33.02 -6.59
N THR A 100 7.32 -32.06 -7.43
CA THR A 100 6.64 -31.83 -8.69
C THR A 100 7.06 -32.89 -9.72
N GLY A 101 6.44 -32.83 -10.90
CA GLY A 101 6.80 -33.71 -11.99
C GLY A 101 8.12 -33.40 -12.66
N ASN A 102 8.81 -32.34 -12.21
CA ASN A 102 10.18 -32.07 -12.62
C ASN A 102 11.16 -32.24 -11.45
N LEU A 103 10.78 -33.02 -10.44
CA LEU A 103 11.61 -33.28 -9.27
C LEU A 103 12.00 -32.01 -8.53
N GLN A 104 11.21 -30.95 -8.68
CA GLN A 104 11.39 -29.74 -7.89
C GLN A 104 10.56 -29.85 -6.61
N THR A 105 11.18 -29.60 -5.47
CA THR A 105 10.49 -29.68 -4.20
C THR A 105 9.87 -28.34 -3.84
N LEU A 106 8.64 -28.40 -3.32
CA LEU A 106 7.91 -27.21 -2.90
C LEU A 106 7.40 -27.42 -1.48
N LYS A 107 7.62 -26.43 -0.62
CA LYS A 107 7.09 -26.45 0.74
C LYS A 107 5.72 -25.77 0.72
N ILE A 108 4.67 -26.55 0.89
CA ILE A 108 3.30 -26.08 0.70
C ILE A 108 2.52 -26.20 2.00
N ARG A 109 1.65 -25.23 2.25
CA ARG A 109 0.70 -25.27 3.36
C ARG A 109 -0.47 -26.15 2.94
N VAL A 110 -0.44 -27.42 3.35
CA VAL A 110 -1.48 -28.37 2.99
C VAL A 110 -2.58 -28.29 4.04
N HIS A 111 -3.83 -28.22 3.58
CA HIS A 111 -4.98 -28.09 4.45
C HIS A 111 -5.63 -29.46 4.61
N GLU A 112 -5.77 -29.89 5.87
CA GLU A 112 -6.29 -31.20 6.22
C GLU A 112 -7.70 -31.04 6.78
N GLY A 113 -8.68 -31.53 6.05
CA GLY A 113 -10.05 -31.53 6.51
C GLY A 113 -11.00 -31.36 5.34
N TYR A 114 -12.24 -31.81 5.55
CA TYR A 114 -13.27 -31.69 4.53
C TYR A 114 -13.92 -30.31 4.61
N GLU A 115 -13.97 -29.62 3.47
CA GLU A 115 -14.51 -28.27 3.39
C GLU A 115 -15.44 -28.17 2.19
N GLU A 116 -16.42 -27.27 2.31
CA GLU A 116 -17.29 -26.89 1.20
C GLU A 116 -17.09 -25.41 0.90
N PHE A 117 -17.00 -25.06 -0.37
CA PHE A 117 -16.68 -23.71 -0.79
C PHE A 117 -17.65 -23.24 -1.87
N THR A 118 -17.57 -21.94 -2.15
CA THR A 118 -18.21 -21.34 -3.31
C THR A 118 -17.19 -20.43 -3.98
N MET A 119 -16.83 -20.74 -5.22
CA MET A 119 -15.94 -19.90 -6.00
C MET A 119 -16.76 -18.92 -6.83
N VAL A 120 -16.32 -17.66 -6.84
CA VAL A 120 -16.97 -16.61 -7.60
C VAL A 120 -15.91 -15.85 -8.37
N GLY A 121 -16.20 -15.58 -9.65
CA GLY A 121 -15.25 -14.90 -10.50
C GLY A 121 -15.96 -13.96 -11.45
N LYS A 122 -15.16 -13.20 -12.19
CA LYS A 122 -15.72 -12.23 -13.12
C LYS A 122 -16.58 -12.93 -14.17
N ARG A 123 -16.18 -14.14 -14.58
CA ARG A 123 -16.82 -14.83 -15.69
C ARG A 123 -17.15 -16.29 -15.38
N ALA A 124 -17.13 -16.70 -14.11
CA ALA A 124 -17.50 -18.07 -13.76
C ALA A 124 -17.71 -18.17 -12.27
N THR A 125 -18.50 -19.17 -11.86
CA THR A 125 -18.71 -19.52 -10.47
C THR A 125 -18.63 -21.03 -10.33
N ALA A 126 -18.72 -21.52 -9.10
CA ALA A 126 -18.67 -22.96 -8.86
C ALA A 126 -18.96 -23.24 -7.40
N ILE A 127 -19.36 -24.48 -7.14
CA ILE A 127 -19.38 -25.05 -5.78
C ILE A 127 -18.31 -26.12 -5.73
N LEU A 128 -17.41 -26.01 -4.76
CA LEU A 128 -16.26 -26.90 -4.65
C LEU A 128 -16.28 -27.62 -3.32
N ARG A 129 -16.37 -28.94 -3.38
CA ARG A 129 -16.17 -29.80 -2.22
C ARG A 129 -14.77 -30.42 -2.32
N LYS A 130 -14.03 -30.39 -1.21
CA LYS A 130 -12.70 -30.97 -1.20
C LYS A 130 -12.36 -31.47 0.20
N ALA A 131 -11.29 -32.24 0.28
CA ALA A 131 -10.72 -32.66 1.55
C ALA A 131 -9.22 -32.80 1.37
N THR A 132 -8.53 -33.25 2.42
CA THR A 132 -7.08 -33.35 2.44
C THR A 132 -6.51 -33.79 1.10
N ARG A 133 -6.01 -32.84 0.31
CA ARG A 133 -5.39 -33.12 -0.98
C ARG A 133 -6.31 -33.94 -1.87
N ARG A 134 -7.59 -33.56 -1.91
CA ARG A 134 -8.57 -34.35 -2.65
C ARG A 134 -9.70 -33.43 -3.11
N LEU A 135 -9.90 -33.35 -4.43
CA LEU A 135 -11.07 -32.66 -4.97
C LEU A 135 -12.24 -33.65 -5.04
N VAL A 136 -13.20 -33.49 -4.13
CA VAL A 136 -14.37 -34.36 -4.13
C VAL A 136 -15.27 -34.04 -5.33
N GLN A 137 -15.73 -32.80 -5.42
CA GLN A 137 -16.78 -32.44 -6.36
C GLN A 137 -16.63 -30.97 -6.77
N LEU A 138 -16.87 -30.69 -8.04
CA LEU A 138 -16.84 -29.33 -8.58
C LEU A 138 -17.99 -29.15 -9.55
N ILE A 139 -18.88 -28.20 -9.25
CA ILE A 139 -19.97 -27.88 -10.16
C ILE A 139 -19.73 -26.48 -10.72
N VAL A 140 -18.88 -26.38 -11.73
CA VAL A 140 -18.58 -25.09 -12.34
C VAL A 140 -19.73 -24.68 -13.26
N SER A 141 -19.88 -23.36 -13.46
CA SER A 141 -20.94 -22.83 -14.33
C SER A 141 -20.54 -21.41 -14.74
N GLY A 142 -19.95 -21.28 -15.92
CA GLY A 142 -19.39 -20.01 -16.36
C GLY A 142 -19.98 -19.43 -17.63
N ARG A 143 -19.32 -18.39 -18.15
CA ARG A 143 -19.79 -17.73 -19.37
C ARG A 143 -19.61 -18.63 -20.59
N ASP A 144 -18.39 -19.06 -20.85
CA ASP A 144 -18.08 -19.85 -22.04
C ASP A 144 -16.97 -20.83 -21.70
N GLU A 145 -16.42 -21.47 -22.73
CA GLU A 145 -15.40 -22.50 -22.54
C GLU A 145 -14.22 -21.96 -21.75
N GLN A 146 -13.60 -20.89 -22.24
CA GLN A 146 -12.37 -20.39 -21.62
C GLN A 146 -12.58 -20.03 -20.17
N SER A 147 -13.68 -19.30 -19.87
CA SER A 147 -13.94 -18.89 -18.50
C SER A 147 -14.12 -20.08 -17.58
N ILE A 148 -14.69 -21.17 -18.08
CA ILE A 148 -14.93 -22.34 -17.26
C ILE A 148 -13.65 -23.14 -17.04
N ALA A 149 -12.81 -23.27 -18.08
CA ALA A 149 -11.52 -23.92 -17.92
C ALA A 149 -10.70 -23.23 -16.84
N GLU A 150 -10.63 -21.91 -16.89
CA GLU A 150 -9.93 -21.16 -15.85
C GLU A 150 -10.41 -21.54 -14.47
N ALA A 151 -11.72 -21.71 -14.30
CA ALA A 151 -12.26 -22.06 -12.99
C ALA A 151 -11.85 -23.46 -12.58
N ILE A 152 -11.77 -24.38 -13.54
CA ILE A 152 -11.38 -25.75 -13.21
C ILE A 152 -9.90 -25.80 -12.86
N ILE A 153 -9.07 -25.04 -13.58
CA ILE A 153 -7.64 -25.03 -13.27
C ILE A 153 -7.41 -24.53 -11.85
N VAL A 154 -8.11 -23.47 -11.44
CA VAL A 154 -7.99 -22.98 -10.08
C VAL A 154 -8.40 -24.07 -9.09
N ALA A 155 -9.54 -24.72 -9.35
CA ALA A 155 -10.01 -25.78 -8.47
C ALA A 155 -8.97 -26.90 -8.34
N MET A 156 -8.40 -27.33 -9.47
CA MET A 156 -7.44 -28.43 -9.44
C MET A 156 -6.21 -28.04 -8.64
N VAL A 157 -5.66 -26.85 -8.90
CA VAL A 157 -4.50 -26.40 -8.13
C VAL A 157 -4.87 -26.19 -6.67
N PHE A 158 -6.06 -25.64 -6.41
CA PHE A 158 -6.51 -25.44 -5.04
C PHE A 158 -6.67 -26.76 -4.29
N SER A 159 -6.99 -27.83 -5.00
CA SER A 159 -7.24 -29.11 -4.33
C SER A 159 -5.99 -29.67 -3.70
N GLN A 160 -4.82 -29.39 -4.28
CA GLN A 160 -3.54 -29.91 -3.79
C GLN A 160 -3.42 -31.41 -4.02
N GLU A 161 -4.10 -31.93 -5.04
CA GLU A 161 -4.02 -33.35 -5.34
C GLU A 161 -2.64 -33.71 -5.90
N ASP A 162 -2.21 -34.94 -5.62
CA ASP A 162 -0.90 -35.38 -6.08
C ASP A 162 -0.81 -35.39 -7.59
N CYS A 163 -1.88 -35.82 -8.27
CA CYS A 163 -1.87 -35.87 -9.73
C CYS A 163 -1.63 -34.49 -10.33
N MET A 164 -2.16 -33.45 -9.66
CA MET A 164 -1.92 -32.09 -10.12
C MET A 164 -0.47 -31.69 -9.89
N ILE A 165 0.08 -32.03 -8.72
CA ILE A 165 1.48 -31.72 -8.44
C ILE A 165 2.39 -32.43 -9.44
N LYS A 166 2.19 -33.73 -9.65
CA LYS A 166 3.03 -34.48 -10.57
C LYS A 166 2.75 -34.11 -12.02
N ALA A 167 1.61 -33.47 -12.31
CA ALA A 167 1.33 -33.00 -13.66
C ALA A 167 2.23 -31.85 -14.08
N VAL A 168 2.94 -31.22 -13.14
CA VAL A 168 3.91 -30.19 -13.50
C VAL A 168 4.98 -30.79 -14.40
N ARG A 169 5.37 -30.04 -15.44
CA ARG A 169 6.41 -30.47 -16.36
C ARG A 169 7.33 -29.27 -16.62
N GLY A 170 8.07 -28.86 -15.61
CA GLY A 170 9.02 -27.77 -15.75
C GLY A 170 9.44 -27.25 -14.40
N ASP A 171 10.40 -26.33 -14.44
CA ASP A 171 10.87 -25.63 -13.25
C ASP A 171 10.11 -24.32 -13.11
N LEU A 172 9.50 -24.12 -11.94
CA LEU A 172 8.61 -22.98 -11.71
C LEU A 172 9.42 -21.83 -11.14
N ASN A 173 9.62 -20.78 -11.94
CA ASN A 173 10.38 -19.60 -11.55
C ASN A 173 9.60 -18.33 -11.86
N PHE A 174 8.30 -18.34 -11.57
CA PHE A 174 7.46 -17.18 -11.82
C PHE A 174 7.71 -16.09 -10.79
N VAL A 175 7.79 -14.84 -11.27
CA VAL A 175 7.93 -13.67 -10.42
C VAL A 175 6.80 -12.70 -10.74
N ASN A 176 6.72 -11.63 -9.93
CA ASN A 176 5.65 -10.65 -10.04
C ASN A 176 6.20 -9.30 -10.51
N ARG A 177 5.35 -8.28 -10.45
CA ARG A 177 5.74 -6.94 -10.90
C ARG A 177 7.00 -6.47 -10.18
N ALA A 178 7.13 -6.80 -8.89
CA ALA A 178 8.27 -6.41 -8.08
C ALA A 178 9.45 -7.37 -8.22
N ASN A 179 9.39 -8.29 -9.17
CA ASN A 179 10.48 -9.24 -9.42
C ASN A 179 10.80 -10.06 -8.17
N GLN A 180 9.78 -10.42 -7.42
CA GLN A 180 9.90 -11.34 -6.30
C GLN A 180 9.31 -12.70 -6.68
N ARG A 181 9.87 -13.75 -6.11
CA ARG A 181 9.37 -15.09 -6.39
C ARG A 181 7.98 -15.27 -5.80
N LEU A 182 7.09 -15.89 -6.58
CA LEU A 182 5.75 -16.19 -6.11
C LEU A 182 5.78 -17.35 -5.13
N ASN A 183 4.85 -17.32 -4.17
CA ASN A 183 4.75 -18.40 -3.22
C ASN A 183 4.26 -19.67 -3.92
N PRO A 184 4.58 -20.86 -3.36
CA PRO A 184 4.36 -22.12 -4.09
C PRO A 184 3.01 -22.25 -4.78
N MET A 185 1.91 -22.06 -4.05
CA MET A 185 0.59 -22.29 -4.62
C MET A 185 0.35 -21.40 -5.85
N HIS A 186 0.91 -20.19 -5.86
CA HIS A 186 0.80 -19.34 -7.04
C HIS A 186 1.75 -19.76 -8.14
N GLN A 187 2.92 -20.29 -7.78
CA GLN A 187 3.80 -20.88 -8.79
C GLN A 187 3.08 -21.95 -9.59
N LEU A 188 2.40 -22.87 -8.89
CA LEU A 188 1.62 -23.90 -9.58
C LEU A 188 0.54 -23.28 -10.45
N LEU A 189 -0.17 -22.30 -9.90
CA LEU A 189 -1.33 -21.74 -10.61
C LEU A 189 -0.90 -21.10 -11.92
N ARG A 190 0.11 -20.24 -11.89
CA ARG A 190 0.54 -19.54 -13.11
C ARG A 190 1.07 -20.51 -14.16
N HIS A 191 1.63 -21.65 -13.73
CA HIS A 191 2.13 -22.63 -14.69
C HIS A 191 0.98 -23.28 -15.45
N PHE A 192 -0.06 -23.72 -14.73
CA PHE A 192 -1.19 -24.40 -15.37
C PHE A 192 -2.15 -23.43 -16.06
N GLN A 193 -1.99 -22.12 -15.85
CA GLN A 193 -2.74 -21.15 -16.63
C GLN A 193 -2.06 -20.88 -17.97
N LYS A 194 -0.73 -20.96 -18.01
CA LYS A 194 -0.02 -20.85 -19.28
C LYS A 194 -0.41 -22.00 -20.21
N ASP A 195 -0.62 -23.18 -19.65
CA ASP A 195 -1.03 -24.34 -20.42
C ASP A 195 -1.53 -25.45 -19.50
N ALA A 196 -2.81 -25.78 -19.58
CA ALA A 196 -3.41 -26.83 -18.77
C ALA A 196 -3.57 -28.13 -19.53
N LYS A 197 -2.79 -28.33 -20.59
CA LYS A 197 -2.90 -29.54 -21.39
C LYS A 197 -2.59 -30.77 -20.54
N VAL A 198 -1.38 -30.82 -19.97
CA VAL A 198 -0.95 -32.00 -19.23
C VAL A 198 -1.80 -32.21 -18.00
N LEU A 199 -2.14 -31.14 -17.29
CA LEU A 199 -2.96 -31.26 -16.08
C LEU A 199 -4.24 -32.04 -16.35
N PHE A 200 -4.94 -31.70 -17.43
CA PHE A 200 -6.24 -32.29 -17.70
C PHE A 200 -6.11 -33.76 -18.11
N GLN A 201 -5.06 -34.11 -18.86
CA GLN A 201 -4.86 -35.51 -19.22
C GLN A 201 -4.72 -36.37 -17.98
N ASN A 202 -3.74 -36.04 -17.12
CA ASN A 202 -3.41 -36.86 -15.97
C ASN A 202 -4.45 -36.79 -14.86
N TRP A 203 -5.40 -35.85 -14.93
CA TRP A 203 -6.42 -35.77 -13.90
C TRP A 203 -7.28 -37.02 -13.88
N GLY A 204 -7.64 -37.52 -15.06
CA GLY A 204 -8.39 -38.76 -15.16
C GLY A 204 -9.88 -38.58 -15.41
N ILE A 205 -10.45 -39.46 -16.22
CA ILE A 205 -11.86 -39.39 -16.59
C ILE A 205 -12.62 -40.52 -15.88
N GLU A 206 -13.95 -40.46 -15.95
CA GLU A 206 -14.78 -41.46 -15.31
C GLU A 206 -16.18 -41.41 -15.91
N HIS A 207 -16.93 -42.49 -15.65
CA HIS A 207 -18.30 -42.62 -16.13
C HIS A 207 -19.24 -41.82 -15.23
N ILE A 208 -20.11 -41.02 -15.85
CA ILE A 208 -21.02 -40.15 -15.11
C ILE A 208 -22.45 -40.57 -15.40
N ASP A 209 -23.33 -40.34 -14.41
CA ASP A 209 -24.73 -40.76 -14.47
C ASP A 209 -25.58 -39.52 -14.77
N ASN A 210 -25.70 -39.22 -16.07
CA ASN A 210 -26.44 -38.07 -16.57
C ASN A 210 -27.62 -37.67 -15.68
N VAL A 211 -27.48 -36.53 -15.01
CA VAL A 211 -28.57 -35.89 -14.27
C VAL A 211 -28.86 -34.54 -14.93
N MET A 212 -30.10 -34.09 -14.81
CA MET A 212 -30.50 -32.82 -15.41
C MET A 212 -29.56 -31.69 -14.96
N GLY A 213 -29.30 -30.77 -15.87
CA GLY A 213 -28.37 -29.66 -15.59
C GLY A 213 -26.91 -30.05 -15.59
N MET A 214 -26.55 -31.10 -14.85
CA MET A 214 -25.16 -31.53 -14.79
C MET A 214 -24.74 -32.14 -16.12
N VAL A 215 -23.79 -31.51 -16.79
CA VAL A 215 -23.19 -32.01 -18.02
C VAL A 215 -21.71 -32.25 -17.77
N GLY A 216 -21.20 -33.35 -18.31
CA GLY A 216 -19.80 -33.66 -18.15
C GLY A 216 -18.93 -32.91 -19.14
N VAL A 217 -17.63 -32.90 -18.86
CA VAL A 217 -16.65 -32.24 -19.72
C VAL A 217 -15.38 -33.09 -19.73
N LEU A 218 -14.68 -33.05 -20.86
CA LEU A 218 -13.52 -33.89 -21.12
C LEU A 218 -12.24 -33.06 -21.19
N PRO A 219 -11.07 -33.72 -21.14
CA PRO A 219 -9.80 -32.99 -21.13
C PRO A 219 -9.61 -32.02 -22.30
N ASP A 220 -10.32 -32.22 -23.40
CA ASP A 220 -10.26 -31.29 -24.52
C ASP A 220 -11.30 -30.17 -24.40
N MET A 221 -12.00 -30.09 -23.28
CA MET A 221 -13.09 -29.14 -23.08
C MET A 221 -14.19 -29.38 -24.11
N THR A 222 -14.70 -30.61 -24.12
CA THR A 222 -15.86 -31.00 -24.90
C THR A 222 -16.81 -31.77 -24.00
N PRO A 223 -18.11 -31.52 -24.08
CA PRO A 223 -19.07 -32.14 -23.15
C PRO A 223 -19.30 -33.61 -23.48
N SER A 224 -20.08 -34.26 -22.61
CA SER A 224 -20.52 -35.64 -22.81
C SER A 224 -21.45 -36.04 -21.67
N THR A 225 -22.62 -36.60 -22.01
CA THR A 225 -23.54 -37.08 -20.99
C THR A 225 -23.14 -38.46 -20.44
N GLU A 226 -22.10 -39.08 -20.99
CA GLU A 226 -21.66 -40.40 -20.60
C GLU A 226 -20.44 -40.38 -19.70
N MET A 227 -19.41 -39.59 -20.05
CA MET A 227 -18.16 -39.57 -19.31
C MET A 227 -17.70 -38.13 -19.12
N SER A 228 -17.06 -37.89 -17.97
CA SER A 228 -16.54 -36.57 -17.63
C SER A 228 -15.24 -36.74 -16.86
N MET A 229 -14.67 -35.61 -16.45
CA MET A 229 -13.48 -35.64 -15.61
C MET A 229 -13.88 -35.87 -14.15
N ARG A 230 -12.93 -36.42 -13.39
CA ARG A 230 -13.19 -36.85 -12.02
C ARG A 230 -13.69 -35.70 -11.14
N GLY A 231 -14.96 -35.77 -10.75
CA GLY A 231 -15.53 -34.82 -9.81
C GLY A 231 -16.06 -33.53 -10.42
N ILE A 232 -15.86 -33.31 -11.72
CA ILE A 232 -16.09 -32.02 -12.34
C ILE A 232 -17.36 -32.09 -13.18
N ARG A 233 -18.35 -31.28 -12.82
CA ARG A 233 -19.59 -31.13 -13.58
C ARG A 233 -19.75 -29.68 -14.01
N VAL A 234 -20.60 -29.47 -15.03
CA VAL A 234 -20.85 -28.14 -15.58
C VAL A 234 -22.34 -27.83 -15.47
N SER A 235 -22.66 -26.54 -15.40
CA SER A 235 -24.05 -26.10 -15.29
C SER A 235 -24.17 -24.72 -15.94
N LYS A 236 -25.18 -23.95 -15.54
CA LYS A 236 -25.47 -22.67 -16.18
C LYS A 236 -25.54 -21.51 -15.19
N MET A 237 -26.43 -21.61 -14.21
CA MET A 237 -26.60 -20.55 -13.23
C MET A 237 -27.25 -21.09 -11.96
N SER A 243 -26.25 -13.87 -0.55
CA SER A 243 -25.96 -14.40 0.78
C SER A 243 -25.49 -13.28 1.72
N SER A 244 -24.81 -13.64 2.79
CA SER A 244 -24.34 -12.69 3.79
C SER A 244 -22.81 -12.56 3.72
N THR A 245 -22.30 -11.55 4.43
CA THR A 245 -20.88 -11.26 4.45
C THR A 245 -20.44 -11.07 5.90
N GLU A 246 -19.45 -11.87 6.31
CA GLU A 246 -18.85 -11.71 7.62
C GLU A 246 -17.63 -10.81 7.51
N ARG A 247 -17.56 -9.81 8.38
CA ARG A 247 -16.42 -8.90 8.45
C ARG A 247 -15.52 -9.27 9.63
N VAL A 248 -14.22 -9.27 9.38
CA VAL A 248 -13.24 -9.77 10.35
C VAL A 248 -12.00 -8.90 10.34
N VAL A 249 -11.30 -8.89 11.47
CA VAL A 249 -10.02 -8.19 11.58
C VAL A 249 -8.97 -8.95 10.80
N VAL A 250 -8.04 -8.21 10.20
CA VAL A 250 -7.01 -8.80 9.34
C VAL A 250 -5.72 -8.01 9.51
N SER A 251 -4.60 -8.70 9.29
CA SER A 251 -3.28 -8.08 9.30
C SER A 251 -2.84 -7.77 7.88
N ILE A 252 -1.87 -6.88 7.77
CA ILE A 252 -1.22 -6.56 6.50
C ILE A 252 0.26 -6.29 6.77
N ASP A 253 1.11 -6.77 5.88
CA ASP A 253 2.55 -6.57 6.02
C ASP A 253 3.06 -5.62 4.93
N ARG A 254 4.37 -5.38 4.98
CA ARG A 254 5.06 -4.51 4.03
C ARG A 254 4.56 -4.65 2.60
N PHE A 255 4.47 -5.88 2.10
CA PHE A 255 4.16 -6.12 0.69
C PHE A 255 2.66 -6.33 0.43
N LEU A 256 1.80 -5.78 1.28
CA LEU A 256 0.36 -5.78 1.04
C LEU A 256 -0.22 -7.20 1.00
N ARG A 257 0.36 -8.12 1.76
CA ARG A 257 -0.25 -9.45 1.93
C ARG A 257 -1.15 -9.39 3.15
N VAL A 258 -2.45 -9.55 2.92
CA VAL A 258 -3.44 -9.50 3.99
C VAL A 258 -3.67 -10.93 4.49
N ARG A 259 -3.59 -11.09 5.81
CA ARG A 259 -3.79 -12.39 6.44
C ARG A 259 -4.88 -12.27 7.50
N ASP A 260 -5.70 -13.32 7.61
CA ASP A 260 -6.66 -13.41 8.70
C ASP A 260 -5.91 -13.73 10.00
N GLN A 261 -6.69 -13.91 11.07
CA GLN A 261 -6.08 -14.18 12.37
C GLN A 261 -5.33 -15.51 12.37
N ARG A 262 -5.88 -16.51 11.68
CA ARG A 262 -5.26 -17.84 11.61
C ARG A 262 -3.99 -17.87 10.76
N GLY A 263 -3.65 -16.77 10.10
CA GLY A 263 -2.41 -16.67 9.34
C GLY A 263 -2.53 -17.00 7.87
N ASN A 264 -3.73 -17.24 7.36
CA ASN A 264 -3.91 -17.56 5.95
C ASN A 264 -3.98 -16.29 5.11
N VAL A 265 -3.29 -16.31 3.97
CA VAL A 265 -3.24 -15.16 3.07
C VAL A 265 -4.61 -15.01 2.41
N LEU A 266 -5.35 -13.96 2.80
CA LEU A 266 -6.63 -13.68 2.15
C LEU A 266 -6.43 -12.95 0.82
N LEU A 267 -5.54 -11.97 0.79
CA LEU A 267 -5.35 -11.13 -0.39
C LEU A 267 -3.88 -10.82 -0.56
N SER A 268 -3.51 -10.50 -1.79
CA SER A 268 -2.19 -9.98 -2.11
C SER A 268 -2.29 -9.22 -3.42
N PRO A 269 -1.34 -8.32 -3.70
CA PRO A 269 -1.31 -7.70 -5.02
C PRO A 269 -1.46 -8.71 -6.15
N GLU A 270 -0.91 -9.91 -5.96
CA GLU A 270 -0.98 -10.96 -6.97
C GLU A 270 -2.41 -11.33 -7.35
N GLU A 271 -3.39 -10.97 -6.53
CA GLU A 271 -4.78 -11.40 -6.71
C GLU A 271 -5.70 -10.27 -7.13
N VAL A 272 -5.16 -9.16 -7.63
CA VAL A 272 -5.96 -8.04 -8.10
C VAL A 272 -6.07 -8.12 -9.61
N SER A 273 -7.25 -7.83 -10.14
CA SER A 273 -7.51 -7.93 -11.56
C SER A 273 -6.91 -6.73 -12.30
N GLU A 274 -7.15 -6.70 -13.60
CA GLU A 274 -6.78 -5.58 -14.45
C GLU A 274 -7.99 -4.65 -14.58
N THR A 275 -7.71 -3.39 -14.87
CA THR A 275 -8.75 -2.36 -14.87
C THR A 275 -9.11 -1.92 -16.28
N HIS A 276 -10.35 -1.45 -16.41
CA HIS A 276 -10.88 -0.93 -17.65
C HIS A 276 -10.60 0.55 -17.79
N GLY A 277 -10.65 1.28 -16.68
CA GLY A 277 -10.24 2.66 -16.64
C GLY A 277 -11.16 3.61 -17.37
N THR A 278 -12.45 3.52 -17.08
CA THR A 278 -13.45 4.45 -17.61
C THR A 278 -14.29 4.94 -16.43
N GLU A 279 -13.65 5.69 -15.54
CA GLU A 279 -14.27 6.03 -14.28
C GLU A 279 -15.34 7.10 -14.45
N ARG A 280 -16.47 6.89 -13.80
CA ARG A 280 -17.60 7.81 -13.84
C ARG A 280 -17.40 9.03 -12.96
N LEU A 281 -16.42 9.00 -12.06
CA LEU A 281 -16.14 10.08 -11.12
C LEU A 281 -14.68 10.52 -11.27
N THR A 282 -14.34 11.57 -10.52
CA THR A 282 -13.08 12.29 -10.69
C THR A 282 -12.01 11.69 -9.78
N ILE A 283 -11.05 10.98 -10.38
CA ILE A 283 -9.93 10.41 -9.65
C ILE A 283 -8.72 11.31 -9.86
N THR A 284 -8.33 12.03 -8.81
CA THR A 284 -7.10 12.82 -8.80
C THR A 284 -6.08 12.09 -7.94
N TYR A 285 -5.04 11.54 -8.57
CA TYR A 285 -4.03 10.77 -7.87
C TYR A 285 -2.99 11.72 -7.29
N SER A 286 -3.09 12.01 -5.99
CA SER A 286 -2.09 12.78 -5.28
C SER A 286 -1.41 11.93 -4.21
N SER A 287 -0.16 12.28 -3.90
CA SER A 287 0.56 11.72 -2.76
C SER A 287 1.08 12.83 -1.85
N ASN B 6 24.73 20.18 -13.12
CA ASN B 6 25.12 19.70 -14.44
C ASN B 6 24.00 19.92 -15.45
N ASP B 7 24.32 20.68 -16.51
CA ASP B 7 23.33 20.99 -17.54
C ASP B 7 23.10 19.84 -18.51
N ASP B 8 24.03 18.88 -18.59
CA ASP B 8 23.84 17.76 -19.51
C ASP B 8 22.71 16.86 -19.06
N ILE B 9 22.60 16.60 -17.76
CA ILE B 9 21.51 15.78 -17.23
C ILE B 9 20.17 16.44 -17.53
N ASP B 10 20.05 17.73 -17.23
CA ASP B 10 18.78 18.44 -17.45
C ASP B 10 18.36 18.37 -18.91
N GLN B 11 19.26 18.76 -19.82
CA GLN B 11 18.95 18.74 -21.25
C GLN B 11 18.40 17.38 -21.68
N SER B 12 19.02 16.30 -21.20
CA SER B 12 18.58 14.96 -21.58
C SER B 12 17.30 14.56 -20.84
N LEU B 13 17.21 14.90 -19.55
CA LEU B 13 15.99 14.61 -18.80
C LEU B 13 14.77 15.22 -19.49
N ILE B 14 14.87 16.50 -19.87
CA ILE B 14 13.77 17.16 -20.56
C ILE B 14 13.42 16.41 -21.84
N ILE B 15 14.42 16.10 -22.65
CA ILE B 15 14.17 15.38 -23.90
C ILE B 15 13.46 14.06 -23.62
N ALA B 16 13.93 13.33 -22.60
CA ALA B 16 13.28 12.07 -22.26
C ALA B 16 11.87 12.28 -21.76
N ALA B 17 11.67 13.24 -20.85
CA ALA B 17 10.35 13.48 -20.28
C ALA B 17 9.34 13.80 -21.38
N ARG B 18 9.70 14.68 -22.31
CA ARG B 18 8.78 15.07 -23.37
C ARG B 18 8.30 13.86 -24.18
N ASN B 19 9.26 13.04 -24.64
CA ASN B 19 8.88 11.86 -25.41
C ASN B 19 7.94 10.95 -24.62
N ILE B 20 8.22 10.76 -23.33
CA ILE B 20 7.38 9.88 -22.52
C ILE B 20 5.95 10.40 -22.47
N VAL B 21 5.78 11.72 -22.30
CA VAL B 21 4.44 12.29 -22.19
C VAL B 21 3.68 12.14 -23.50
N ARG B 22 4.35 12.39 -24.62
CA ARG B 22 3.70 12.23 -25.93
C ARG B 22 3.25 10.79 -26.14
N ARG B 23 4.13 9.83 -25.85
CA ARG B 23 3.80 8.43 -26.05
C ARG B 23 2.74 7.97 -25.07
N ALA B 24 2.74 8.52 -23.85
CA ALA B 24 1.70 8.17 -22.88
C ALA B 24 0.36 8.78 -23.24
N SER B 25 0.36 10.04 -23.69
CA SER B 25 -0.88 10.74 -23.98
C SER B 25 -1.76 9.97 -24.95
N VAL B 26 -1.16 9.23 -25.89
CA VAL B 26 -1.94 8.49 -26.87
C VAL B 26 -2.43 7.14 -26.37
N SER B 27 -2.15 6.78 -25.12
CA SER B 27 -2.65 5.55 -24.55
C SER B 27 -4.07 5.73 -24.01
N ALA B 28 -4.72 4.60 -23.73
CA ALA B 28 -6.03 4.63 -23.10
C ALA B 28 -5.95 5.16 -21.67
N ASP B 29 -4.90 4.77 -20.93
CA ASP B 29 -4.63 5.28 -19.58
C ASP B 29 -3.24 5.92 -19.60
N PRO B 30 -3.15 7.18 -20.02
CA PRO B 30 -1.83 7.83 -20.11
C PRO B 30 -1.06 7.83 -18.81
N LEU B 31 -1.74 7.97 -17.67
CA LEU B 31 -1.04 8.02 -16.40
C LEU B 31 -0.34 6.69 -16.12
N ALA B 32 -1.08 5.58 -16.21
CA ALA B 32 -0.47 4.27 -16.07
C ALA B 32 0.68 4.08 -17.05
N SER B 33 0.47 4.49 -18.31
N SER B 33 0.47 4.49 -18.31
N SER B 33 0.47 4.49 -18.31
CA SER B 33 1.53 4.34 -19.32
CA SER B 33 1.53 4.34 -19.32
CA SER B 33 1.53 4.35 -19.31
C SER B 33 2.74 5.21 -18.98
C SER B 33 2.74 5.21 -18.98
C SER B 33 2.74 5.20 -18.96
N LEU B 34 2.52 6.40 -18.43
CA LEU B 34 3.62 7.27 -18.08
C LEU B 34 4.44 6.71 -16.93
N LEU B 35 3.76 6.12 -15.94
CA LEU B 35 4.46 5.56 -14.78
C LEU B 35 5.28 4.35 -15.18
N GLU B 36 4.79 3.54 -16.11
CA GLU B 36 5.57 2.39 -16.59
C GLU B 36 6.85 2.86 -17.25
N MET B 37 6.77 3.88 -18.09
CA MET B 37 7.93 4.35 -18.84
C MET B 37 8.96 5.00 -17.93
N CYS B 38 8.52 5.80 -16.96
CA CYS B 38 9.45 6.49 -16.07
C CYS B 38 10.22 5.52 -15.18
N HIS B 39 9.59 4.42 -14.76
CA HIS B 39 10.27 3.48 -13.87
C HIS B 39 11.41 2.78 -14.58
N SER B 40 11.24 2.47 -15.87
CA SER B 40 12.20 1.64 -16.60
C SER B 40 13.19 2.45 -17.42
N THR B 41 12.83 3.65 -17.87
CA THR B 41 13.74 4.44 -18.68
C THR B 41 14.95 4.87 -17.87
N GLN B 42 16.12 4.86 -18.51
CA GLN B 42 17.38 5.21 -17.86
C GLN B 42 18.08 6.29 -18.66
N ILE B 43 18.63 7.27 -17.95
CA ILE B 43 19.35 8.39 -18.55
C ILE B 43 20.80 8.34 -18.06
N GLY B 44 21.73 8.11 -18.97
CA GLY B 44 23.14 8.04 -18.60
C GLY B 44 23.42 7.03 -17.51
N GLY B 45 22.83 5.84 -17.61
CA GLY B 45 23.02 4.80 -16.61
C GLY B 45 22.01 4.82 -15.47
N THR B 46 21.86 5.97 -14.82
CA THR B 46 20.96 6.08 -13.68
C THR B 46 19.51 5.96 -14.11
N ARG B 47 18.69 5.44 -13.22
CA ARG B 47 17.27 5.28 -13.48
C ARG B 47 16.56 6.63 -13.39
N MET B 48 15.54 6.81 -14.24
CA MET B 48 14.90 8.11 -14.36
C MET B 48 14.23 8.52 -13.05
N VAL B 49 13.45 7.63 -12.46
CA VAL B 49 12.81 7.86 -11.17
C VAL B 49 13.80 8.47 -10.19
N ASP B 50 15.02 7.94 -10.16
CA ASP B 50 16.03 8.47 -9.24
C ASP B 50 16.45 9.89 -9.60
N ILE B 51 16.40 10.24 -10.88
CA ILE B 51 16.74 11.60 -11.30
C ILE B 51 15.65 12.57 -10.88
N LEU B 52 14.39 12.27 -11.23
CA LEU B 52 13.29 13.15 -10.89
C LEU B 52 13.27 13.49 -9.41
N ARG B 53 13.58 12.50 -8.56
CA ARG B 53 13.56 12.71 -7.12
C ARG B 53 14.60 13.73 -6.68
N GLN B 54 15.75 13.77 -7.35
CA GLN B 54 16.86 14.62 -6.94
C GLN B 54 17.13 15.77 -7.89
N ASN B 55 16.60 15.75 -9.11
CA ASN B 55 16.91 16.81 -10.05
C ASN B 55 16.01 18.02 -9.80
N PRO B 56 16.54 19.24 -9.88
CA PRO B 56 15.74 20.43 -9.60
C PRO B 56 14.99 21.03 -10.78
N THR B 57 15.16 20.49 -12.00
CA THR B 57 14.60 21.11 -13.18
C THR B 57 13.08 21.23 -13.06
N GLU B 58 12.56 22.41 -13.44
CA GLU B 58 11.13 22.65 -13.54
C GLU B 58 10.79 22.84 -15.02
N GLU B 59 10.01 21.91 -15.56
CA GLU B 59 9.61 21.96 -16.97
C GLU B 59 8.29 21.23 -17.12
N GLN B 60 7.55 21.58 -18.17
CA GLN B 60 6.19 21.06 -18.33
C GLN B 60 6.18 19.53 -18.28
N ALA B 61 6.87 18.88 -19.21
CA ALA B 61 6.88 17.42 -19.22
C ALA B 61 7.52 16.86 -17.96
N VAL B 62 8.60 17.48 -17.50
CA VAL B 62 9.30 16.98 -16.31
C VAL B 62 8.38 17.04 -15.09
N ASP B 63 7.71 18.17 -14.90
CA ASP B 63 6.87 18.33 -13.72
C ASP B 63 5.64 17.43 -13.79
N ILE B 64 5.19 17.07 -14.99
CA ILE B 64 4.14 16.06 -15.13
C ILE B 64 4.62 14.74 -14.56
N CYS B 65 5.83 14.32 -14.96
CA CYS B 65 6.40 13.08 -14.45
C CYS B 65 6.59 13.15 -12.94
N LYS B 66 7.13 14.26 -12.45
CA LYS B 66 7.27 14.46 -11.01
C LYS B 66 5.91 14.33 -10.32
N ALA B 67 4.91 15.04 -10.82
CA ALA B 67 3.57 14.96 -10.23
C ALA B 67 3.04 13.53 -10.25
N ALA B 68 3.34 12.79 -11.33
CA ALA B 68 2.80 11.44 -11.47
C ALA B 68 3.23 10.53 -10.32
N MET B 69 4.37 10.83 -9.70
CA MET B 69 4.86 10.07 -8.56
C MET B 69 4.94 10.94 -7.31
N GLY B 70 3.99 11.85 -7.17
CA GLY B 70 3.79 12.54 -5.90
C GLY B 70 4.89 13.49 -5.48
N LEU B 71 5.67 14.01 -6.42
CA LEU B 71 6.72 14.97 -6.10
C LEU B 71 6.20 16.39 -6.19
N ARG B 72 6.72 17.25 -5.32
CA ARG B 72 6.35 18.65 -5.33
C ARG B 72 6.93 19.35 -6.56
N ILE B 73 6.17 20.29 -7.11
CA ILE B 73 6.57 21.03 -8.31
C ILE B 73 6.24 22.50 -8.14
N SER B 74 6.71 23.29 -9.11
CA SER B 74 6.43 24.72 -9.14
C SER B 74 4.93 24.99 -9.14
N SER B 75 4.49 25.93 -8.30
CA SER B 75 3.09 26.33 -8.27
C SER B 75 2.66 27.03 -9.55
N SER B 76 3.59 27.64 -10.28
CA SER B 76 3.26 28.30 -11.53
C SER B 76 2.58 27.33 -12.49
N PHE B 77 1.84 27.89 -13.45
CA PHE B 77 1.10 27.09 -14.41
C PHE B 77 1.45 27.54 -15.83
N SER B 78 1.29 26.60 -16.76
CA SER B 78 1.63 26.83 -18.16
C SER B 78 0.35 26.99 -18.98
N PHE B 79 0.32 28.02 -19.82
CA PHE B 79 -0.77 28.22 -20.77
C PHE B 79 -0.19 28.77 -22.06
N GLY B 80 -0.48 28.11 -23.17
CA GLY B 80 0.08 28.49 -24.44
C GLY B 80 1.59 28.52 -24.47
N GLY B 81 2.25 27.65 -23.70
CA GLY B 81 3.68 27.59 -23.65
C GLY B 81 4.32 28.55 -22.67
N PHE B 82 3.59 29.56 -22.20
CA PHE B 82 4.13 30.56 -21.30
C PHE B 82 3.88 30.16 -19.85
N THR B 83 4.84 30.46 -18.98
CA THR B 83 4.76 30.11 -17.57
C THR B 83 4.25 31.32 -16.79
N PHE B 84 3.02 31.21 -16.28
CA PHE B 84 2.39 32.27 -15.50
C PHE B 84 2.74 32.12 -14.03
N LYS B 85 3.22 33.20 -13.41
CA LYS B 85 3.39 33.26 -11.96
C LYS B 85 2.63 34.48 -11.43
N ARG B 86 1.84 34.25 -10.39
CA ARG B 86 0.99 35.30 -9.81
C ARG B 86 1.83 36.18 -8.89
N THR B 87 2.08 37.42 -9.32
CA THR B 87 2.86 38.34 -8.50
C THR B 87 2.00 39.06 -7.46
N SER B 88 0.73 39.29 -7.76
CA SER B 88 -0.15 39.98 -6.83
C SER B 88 -1.59 39.66 -7.16
N GLY B 89 -2.44 39.70 -6.13
CA GLY B 89 -3.87 39.54 -6.32
C GLY B 89 -4.33 38.11 -6.21
N SER B 90 -5.61 37.92 -6.50
CA SER B 90 -6.24 36.61 -6.43
C SER B 90 -7.55 36.66 -7.21
N SER B 91 -8.08 35.48 -7.51
CA SER B 91 -9.37 35.38 -8.18
C SER B 91 -10.07 34.12 -7.68
N ILE B 92 -11.30 33.91 -8.17
CA ILE B 92 -12.07 32.71 -7.88
C ILE B 92 -12.71 32.25 -9.19
N LYS B 93 -13.05 30.97 -9.23
CA LYS B 93 -13.61 30.37 -10.42
C LYS B 93 -15.12 30.47 -10.41
N ARG B 94 -15.70 30.60 -11.61
CA ARG B 94 -17.16 30.65 -11.75
C ARG B 94 -17.48 30.21 -13.19
N GLU B 95 -17.98 28.99 -13.34
CA GLU B 95 -18.25 28.46 -14.67
C GLU B 95 -19.38 29.21 -15.35
N GLU B 96 -19.03 30.27 -16.08
CA GLU B 96 -19.98 31.01 -16.88
C GLU B 96 -20.14 30.34 -18.25
N GLU B 97 -21.14 30.79 -19.00
CA GLU B 97 -21.38 30.29 -20.35
C GLU B 97 -21.46 31.50 -21.28
N VAL B 98 -20.52 31.57 -22.22
CA VAL B 98 -20.38 32.71 -23.12
C VAL B 98 -20.74 32.27 -24.53
N LEU B 99 -20.78 33.25 -25.44
CA LEU B 99 -21.19 33.04 -26.83
C LEU B 99 -20.08 33.52 -27.75
N THR B 100 -19.60 32.63 -28.61
CA THR B 100 -18.53 32.94 -29.54
C THR B 100 -19.05 33.79 -30.69
N GLY B 101 -18.13 34.20 -31.56
CA GLY B 101 -18.51 34.93 -32.75
C GLY B 101 -19.12 34.08 -33.84
N ASN B 102 -19.22 32.77 -33.63
CA ASN B 102 -20.02 31.90 -34.49
C ASN B 102 -21.26 31.40 -33.78
N LEU B 103 -21.71 32.12 -32.75
CA LEU B 103 -22.90 31.79 -31.98
C LEU B 103 -22.82 30.40 -31.36
N GLN B 104 -21.61 29.91 -31.14
CA GLN B 104 -21.37 28.67 -30.40
C GLN B 104 -21.20 29.01 -28.93
N THR B 105 -21.94 28.31 -28.07
CA THR B 105 -21.86 28.53 -26.63
C THR B 105 -20.78 27.66 -26.02
N LEU B 106 -20.00 28.23 -25.11
CA LEU B 106 -18.92 27.53 -24.42
C LEU B 106 -19.05 27.72 -22.92
N LYS B 107 -18.92 26.64 -22.17
CA LYS B 107 -18.87 26.70 -20.72
C LYS B 107 -17.41 26.86 -20.29
N ILE B 108 -17.08 28.04 -19.78
CA ILE B 108 -15.71 28.42 -19.48
C ILE B 108 -15.59 28.72 -17.99
N ARG B 109 -14.45 28.37 -17.40
CA ARG B 109 -14.15 28.77 -16.03
C ARG B 109 -13.67 30.22 -16.06
N VAL B 110 -14.56 31.14 -15.73
CA VAL B 110 -14.24 32.56 -15.72
C VAL B 110 -13.66 32.92 -14.35
N HIS B 111 -12.57 33.68 -14.37
CA HIS B 111 -11.87 34.08 -13.16
C HIS B 111 -12.28 35.49 -12.78
N GLU B 112 -12.77 35.66 -11.56
CA GLU B 112 -13.28 36.94 -11.06
C GLU B 112 -12.30 37.47 -10.02
N GLY B 113 -11.63 38.55 -10.35
CA GLY B 113 -10.72 39.22 -9.42
C GLY B 113 -9.56 39.84 -10.17
N TYR B 114 -8.97 40.85 -9.53
CA TYR B 114 -7.81 41.53 -10.09
C TYR B 114 -6.53 40.78 -9.74
N GLU B 115 -5.74 40.45 -10.76
CA GLU B 115 -4.52 39.68 -10.59
C GLU B 115 -3.38 40.30 -11.37
N GLU B 116 -2.17 40.08 -10.88
CA GLU B 116 -0.94 40.44 -11.57
C GLU B 116 -0.14 39.17 -11.85
N PHE B 117 0.41 39.07 -13.06
CA PHE B 117 1.09 37.86 -13.50
C PHE B 117 2.43 38.22 -14.13
N THR B 118 3.24 37.19 -14.36
CA THR B 118 4.45 37.29 -15.17
C THR B 118 4.44 36.11 -16.13
N MET B 119 4.42 36.41 -17.44
CA MET B 119 4.52 35.39 -18.45
C MET B 119 5.97 35.21 -18.86
N VAL B 120 6.39 33.95 -18.99
CA VAL B 120 7.76 33.62 -19.37
C VAL B 120 7.71 32.56 -20.46
N GLY B 121 8.52 32.75 -21.50
CA GLY B 121 8.59 31.80 -22.60
C GLY B 121 10.00 31.71 -23.13
N LYS B 122 10.22 30.74 -24.03
CA LYS B 122 11.54 30.59 -24.62
C LYS B 122 11.98 31.84 -25.35
N ARG B 123 11.02 32.56 -25.96
CA ARG B 123 11.36 33.68 -26.83
C ARG B 123 10.57 34.95 -26.50
N ALA B 124 9.93 35.03 -25.34
CA ALA B 124 9.24 36.26 -24.95
C ALA B 124 8.84 36.17 -23.49
N THR B 125 8.70 37.35 -22.88
CA THR B 125 8.20 37.49 -21.52
C THR B 125 7.20 38.64 -21.49
N ALA B 126 6.58 38.85 -20.34
CA ALA B 126 5.62 39.94 -20.19
C ALA B 126 5.21 40.06 -18.74
N ILE B 127 4.69 41.24 -18.39
CA ILE B 127 3.95 41.44 -17.15
C ILE B 127 2.50 41.67 -17.54
N LEU B 128 1.59 40.88 -16.97
CA LEU B 128 0.18 40.90 -17.35
C LEU B 128 -0.65 41.26 -16.14
N ARG B 129 -1.36 42.38 -16.22
CA ARG B 129 -2.38 42.77 -15.26
C ARG B 129 -3.74 42.51 -15.87
N LYS B 130 -4.64 41.89 -15.12
CA LYS B 130 -5.99 41.61 -15.61
C LYS B 130 -6.96 41.58 -14.45
N ALA B 131 -8.25 41.59 -14.79
CA ALA B 131 -9.33 41.39 -13.83
C ALA B 131 -10.46 40.69 -14.55
N THR B 132 -11.57 40.50 -13.83
CA THR B 132 -12.72 39.76 -14.34
C THR B 132 -12.98 40.06 -15.82
N ARG B 133 -12.55 39.14 -16.69
CA ARG B 133 -12.78 39.25 -18.13
C ARG B 133 -12.29 40.60 -18.67
N ARG B 134 -11.12 41.04 -18.21
CA ARG B 134 -10.59 42.33 -18.59
C ARG B 134 -9.06 42.30 -18.54
N LEU B 135 -8.43 42.57 -19.68
CA LEU B 135 -6.98 42.77 -19.75
C LEU B 135 -6.68 44.22 -19.43
N VAL B 136 -6.15 44.48 -18.23
CA VAL B 136 -5.80 45.84 -17.83
C VAL B 136 -4.56 46.30 -18.59
N GLN B 137 -3.45 45.57 -18.45
CA GLN B 137 -2.16 46.05 -18.92
C GLN B 137 -1.29 44.86 -19.30
N LEU B 138 -0.55 45.00 -20.39
CA LEU B 138 0.37 43.97 -20.86
C LEU B 138 1.65 44.65 -21.33
N ILE B 139 2.78 44.33 -20.69
CA ILE B 139 4.07 44.85 -21.12
C ILE B 139 4.88 43.69 -21.67
N VAL B 140 4.63 43.33 -22.93
CA VAL B 140 5.38 42.24 -23.56
C VAL B 140 6.76 42.75 -23.93
N SER B 141 7.72 41.82 -24.00
CA SER B 141 9.10 42.16 -24.36
C SER B 141 9.77 40.87 -24.82
N GLY B 142 9.80 40.65 -26.13
CA GLY B 142 10.29 39.40 -26.68
C GLY B 142 11.47 39.52 -27.61
N ARG B 143 11.80 38.42 -28.28
CA ARG B 143 12.93 38.40 -29.21
C ARG B 143 12.65 39.26 -30.44
N ASP B 144 11.58 38.95 -31.15
CA ASP B 144 11.27 39.62 -32.41
C ASP B 144 9.75 39.71 -32.56
N GLU B 145 9.31 40.08 -33.75
CA GLU B 145 7.88 40.26 -34.00
C GLU B 145 7.09 38.99 -33.69
N GLN B 146 7.47 37.87 -34.31
CA GLN B 146 6.68 36.65 -34.18
C GLN B 146 6.59 36.19 -32.71
N SER B 147 7.71 36.20 -32.00
CA SER B 147 7.71 35.77 -30.61
C SER B 147 6.82 36.65 -29.75
N ILE B 148 6.74 37.94 -30.07
CA ILE B 148 5.93 38.86 -29.28
C ILE B 148 4.45 38.70 -29.60
N ALA B 149 4.13 38.49 -30.88
CA ALA B 149 2.72 38.24 -31.25
C ALA B 149 2.17 37.04 -30.49
N GLU B 150 2.93 35.94 -30.46
CA GLU B 150 2.50 34.76 -29.71
C GLU B 150 2.15 35.12 -28.28
N ALA B 151 2.96 35.95 -27.63
CA ALA B 151 2.71 36.31 -26.24
C ALA B 151 1.44 37.13 -26.09
N ILE B 152 1.15 37.99 -27.06
CA ILE B 152 -0.04 38.82 -26.99
C ILE B 152 -1.29 37.96 -27.19
N ILE B 153 -1.22 36.99 -28.10
CA ILE B 153 -2.37 36.12 -28.36
C ILE B 153 -2.74 35.36 -27.09
N VAL B 154 -1.75 34.81 -26.39
CA VAL B 154 -2.01 34.13 -25.14
C VAL B 154 -2.64 35.08 -24.14
N ALA B 155 -2.07 36.28 -24.00
CA ALA B 155 -2.60 37.26 -23.07
C ALA B 155 -4.07 37.56 -23.37
N MET B 156 -4.38 37.78 -24.65
CA MET B 156 -5.76 38.12 -25.02
C MET B 156 -6.71 36.97 -24.70
N VAL B 157 -6.34 35.74 -25.09
CA VAL B 157 -7.19 34.60 -24.79
C VAL B 157 -7.27 34.37 -23.29
N PHE B 158 -6.14 34.55 -22.59
CA PHE B 158 -6.13 34.39 -21.15
C PHE B 158 -7.03 35.40 -20.45
N SER B 159 -7.22 36.58 -21.06
CA SER B 159 -8.00 37.62 -20.40
C SER B 159 -9.47 37.26 -20.30
N GLN B 160 -9.99 36.48 -21.25
CA GLN B 160 -11.41 36.11 -21.31
C GLN B 160 -12.31 37.30 -21.61
N GLU B 161 -11.79 38.30 -22.33
CA GLU B 161 -12.59 39.46 -22.69
C GLU B 161 -13.64 39.10 -23.73
N ASP B 162 -14.78 39.80 -23.67
CA ASP B 162 -15.87 39.51 -24.59
C ASP B 162 -15.46 39.76 -26.04
N CYS B 163 -14.68 40.82 -26.29
CA CYS B 163 -14.25 41.10 -27.65
C CYS B 163 -13.42 39.95 -28.21
N MET B 164 -12.64 39.28 -27.37
CA MET B 164 -11.88 38.10 -27.82
C MET B 164 -12.82 36.93 -28.10
N ILE B 165 -13.81 36.72 -27.24
CA ILE B 165 -14.77 35.63 -27.46
C ILE B 165 -15.51 35.85 -28.77
N LYS B 166 -16.06 37.04 -28.97
CA LYS B 166 -16.79 37.32 -30.19
C LYS B 166 -15.88 37.43 -31.41
N ALA B 167 -14.57 37.59 -31.20
CA ALA B 167 -13.62 37.58 -32.31
C ALA B 167 -13.49 36.22 -32.96
N VAL B 168 -13.97 35.15 -32.31
CA VAL B 168 -13.98 33.84 -32.94
C VAL B 168 -14.86 33.90 -34.19
N ARG B 169 -14.37 33.27 -35.27
CA ARG B 169 -15.11 33.21 -36.53
C ARG B 169 -15.03 31.78 -37.05
N GLY B 170 -15.69 30.87 -36.34
CA GLY B 170 -15.73 29.48 -36.75
C GLY B 170 -16.22 28.60 -35.62
N ASP B 171 -16.39 27.34 -35.94
CA ASP B 171 -16.76 26.33 -34.96
C ASP B 171 -15.49 25.66 -34.44
N LEU B 172 -15.33 25.66 -33.12
CA LEU B 172 -14.10 25.20 -32.48
C LEU B 172 -14.20 23.71 -32.20
N ASN B 173 -13.47 22.91 -32.98
CA ASN B 173 -13.46 21.46 -32.84
C ASN B 173 -12.04 20.93 -32.85
N PHE B 174 -11.14 21.60 -32.14
CA PHE B 174 -9.76 21.16 -32.06
C PHE B 174 -9.63 19.95 -31.15
N VAL B 175 -8.83 18.97 -31.58
CA VAL B 175 -8.55 17.78 -30.80
C VAL B 175 -7.03 17.64 -30.64
N ASN B 176 -6.63 16.69 -29.82
CA ASN B 176 -5.23 16.47 -29.48
C ASN B 176 -4.74 15.16 -30.08
N ARG B 177 -3.53 14.75 -29.69
CA ARG B 177 -2.94 13.52 -30.22
C ARG B 177 -3.85 12.32 -29.99
N ALA B 178 -4.55 12.27 -28.85
CA ALA B 178 -5.45 11.17 -28.55
C ALA B 178 -6.85 11.37 -29.14
N ASN B 179 -7.02 12.37 -30.01
CA ASN B 179 -8.30 12.62 -30.67
C ASN B 179 -9.42 12.88 -29.66
N GLN B 180 -9.08 13.58 -28.58
CA GLN B 180 -10.05 14.04 -27.60
C GLN B 180 -10.24 15.55 -27.75
N ARG B 181 -11.44 16.02 -27.44
CA ARG B 181 -11.74 17.44 -27.54
C ARG B 181 -10.94 18.25 -26.52
N LEU B 182 -10.39 19.37 -26.96
CA LEU B 182 -9.68 20.27 -26.06
C LEU B 182 -10.67 21.05 -25.19
N ASN B 183 -10.25 21.36 -23.98
CA ASN B 183 -11.10 22.14 -23.10
C ASN B 183 -11.23 23.56 -23.63
N PRO B 184 -12.33 24.26 -23.29
CA PRO B 184 -12.65 25.53 -23.96
C PRO B 184 -11.49 26.49 -24.11
N MET B 185 -10.78 26.82 -23.03
CA MET B 185 -9.74 27.83 -23.11
C MET B 185 -8.67 27.47 -24.12
N HIS B 186 -8.39 26.17 -24.28
CA HIS B 186 -7.44 25.76 -25.31
C HIS B 186 -8.07 25.76 -26.70
N GLN B 187 -9.36 25.48 -26.80
CA GLN B 187 -10.06 25.64 -28.08
C GLN B 187 -9.87 27.04 -28.62
N LEU B 188 -10.11 28.04 -27.78
CA LEU B 188 -9.90 29.43 -28.17
C LEU B 188 -8.45 29.68 -28.57
N LEU B 189 -7.51 29.18 -27.76
CA LEU B 189 -6.11 29.47 -27.98
C LEU B 189 -5.64 28.92 -29.33
N ARG B 190 -5.92 27.65 -29.60
CA ARG B 190 -5.47 27.05 -30.85
C ARG B 190 -6.11 27.72 -32.05
N HIS B 191 -7.32 28.26 -31.87
CA HIS B 191 -7.98 28.97 -32.97
C HIS B 191 -7.25 30.27 -33.29
N PHE B 192 -6.93 31.06 -32.26
CA PHE B 192 -6.25 32.32 -32.48
C PHE B 192 -4.77 32.17 -32.77
N GLN B 193 -4.21 30.97 -32.58
CA GLN B 193 -2.84 30.73 -33.02
C GLN B 193 -2.78 30.36 -34.51
N LYS B 194 -3.83 29.72 -35.03
CA LYS B 194 -3.91 29.48 -36.46
C LYS B 194 -3.97 30.79 -37.22
N ASP B 195 -4.67 31.78 -36.68
CA ASP B 195 -4.77 33.09 -37.31
C ASP B 195 -5.31 34.11 -36.33
N ALA B 196 -4.49 35.11 -35.99
CA ALA B 196 -4.88 36.16 -35.06
C ALA B 196 -5.30 37.43 -35.79
N LYS B 197 -5.65 37.32 -37.06
CA LYS B 197 -6.02 38.49 -37.85
C LYS B 197 -7.24 39.18 -37.25
N VAL B 198 -8.35 38.45 -37.16
CA VAL B 198 -9.60 39.06 -36.69
C VAL B 198 -9.47 39.49 -35.24
N LEU B 199 -8.83 38.68 -34.41
CA LEU B 199 -8.69 39.01 -32.99
C LEU B 199 -8.11 40.40 -32.81
N PHE B 200 -7.04 40.72 -33.55
CA PHE B 200 -6.35 42.00 -33.35
C PHE B 200 -7.18 43.17 -33.86
N GLN B 201 -7.92 42.99 -34.94
CA GLN B 201 -8.78 44.07 -35.43
C GLN B 201 -9.79 44.47 -34.38
N ASN B 202 -10.59 43.51 -33.91
CA ASN B 202 -11.68 43.78 -33.00
C ASN B 202 -11.22 44.14 -31.60
N TRP B 203 -9.94 43.94 -31.27
CA TRP B 203 -9.45 44.28 -29.94
C TRP B 203 -9.55 45.79 -29.70
N GLY B 204 -9.20 46.59 -30.69
CA GLY B 204 -9.33 48.03 -30.60
C GLY B 204 -8.04 48.75 -30.28
N ILE B 205 -7.86 49.92 -30.87
CA ILE B 205 -6.65 50.72 -30.69
C ILE B 205 -6.99 51.93 -29.83
N GLU B 206 -5.96 52.65 -29.40
CA GLU B 206 -6.15 53.81 -28.55
C GLU B 206 -4.89 54.67 -28.57
N HIS B 207 -5.05 55.92 -28.13
CA HIS B 207 -3.94 56.87 -28.07
C HIS B 207 -3.09 56.59 -26.84
N ILE B 208 -1.78 56.51 -27.02
CA ILE B 208 -0.86 56.17 -25.94
C ILE B 208 0.08 57.34 -25.68
N ASP B 209 0.50 57.47 -24.43
CA ASP B 209 1.33 58.58 -23.98
C ASP B 209 2.76 58.08 -23.80
N ASN B 210 3.51 58.08 -24.91
CA ASN B 210 4.90 57.64 -24.97
C ASN B 210 5.66 57.88 -23.66
N VAL B 211 6.00 56.79 -22.98
CA VAL B 211 6.86 56.87 -21.78
C VAL B 211 8.20 56.21 -22.08
N VAL B 217 2.22 48.96 -30.26
CA VAL B 217 2.14 48.05 -31.40
C VAL B 217 0.70 48.05 -31.93
N LEU B 218 0.56 47.83 -33.23
CA LEU B 218 -0.70 47.94 -33.94
C LEU B 218 -1.16 46.57 -34.44
N PRO B 219 -2.44 46.45 -34.85
CA PRO B 219 -2.97 45.14 -35.27
C PRO B 219 -2.15 44.47 -36.37
N ASP B 220 -1.38 45.23 -37.13
CA ASP B 220 -0.50 44.67 -38.15
C ASP B 220 0.88 44.32 -37.60
N MET B 221 1.07 44.43 -36.28
CA MET B 221 2.38 44.20 -35.65
C MET B 221 3.40 45.19 -36.19
N THR B 222 3.08 46.47 -36.04
CA THR B 222 4.00 47.56 -36.34
C THR B 222 3.99 48.53 -35.17
N PRO B 223 5.15 49.02 -34.75
CA PRO B 223 5.18 49.89 -33.55
C PRO B 223 4.64 51.28 -33.86
N SER B 224 4.53 52.08 -32.80
CA SER B 224 4.17 53.48 -32.91
C SER B 224 4.19 54.13 -31.53
N THR B 225 4.85 55.29 -31.42
CA THR B 225 4.90 56.02 -30.17
C THR B 225 3.64 56.83 -29.92
N GLU B 226 2.70 56.88 -30.87
CA GLU B 226 1.49 57.68 -30.74
C GLU B 226 0.27 56.82 -30.39
N MET B 227 0.10 55.70 -31.08
CA MET B 227 -1.08 54.85 -30.89
C MET B 227 -0.66 53.39 -30.82
N SER B 228 -1.36 52.63 -29.98
CA SER B 228 -1.11 51.20 -29.83
C SER B 228 -2.44 50.50 -29.57
N MET B 229 -2.37 49.20 -29.35
CA MET B 229 -3.56 48.45 -28.99
C MET B 229 -3.88 48.61 -27.51
N ARG B 230 -5.15 48.41 -27.18
CA ARG B 230 -5.67 48.66 -25.84
C ARG B 230 -4.92 47.84 -24.78
N GLY B 231 -4.14 48.52 -23.94
CA GLY B 231 -3.48 47.88 -22.81
C GLY B 231 -2.15 47.24 -23.10
N ILE B 232 -1.72 47.18 -24.36
CA ILE B 232 -0.58 46.39 -24.78
C ILE B 232 0.59 47.32 -25.09
N ARG B 233 1.68 47.17 -24.34
CA ARG B 233 2.92 47.90 -24.57
C ARG B 233 4.05 46.93 -24.86
N VAL B 234 5.13 47.46 -25.45
CA VAL B 234 6.30 46.67 -25.81
C VAL B 234 7.51 47.23 -25.08
N SER B 235 8.48 46.36 -24.81
CA SER B 235 9.70 46.75 -24.11
C SER B 235 10.82 45.83 -24.58
N LYS B 236 11.87 45.70 -23.76
CA LYS B 236 13.07 44.96 -24.13
C LYS B 236 13.44 43.90 -23.10
N MET B 237 13.64 44.31 -21.85
CA MET B 237 14.01 43.38 -20.80
C MET B 237 13.66 43.93 -19.42
N SER B 244 11.94 33.81 -7.11
CA SER B 244 11.96 32.60 -6.30
C SER B 244 10.94 31.58 -6.80
N THR B 245 11.09 30.33 -6.37
CA THR B 245 10.21 29.24 -6.79
C THR B 245 9.61 28.57 -5.56
N GLU B 246 8.28 28.55 -5.49
CA GLU B 246 7.58 27.84 -4.44
C GLU B 246 7.22 26.43 -4.94
N ARG B 247 7.52 25.43 -4.12
CA ARG B 247 7.15 24.05 -4.42
C ARG B 247 5.93 23.64 -3.60
N VAL B 248 5.01 22.95 -4.27
CA VAL B 248 3.70 22.64 -3.69
C VAL B 248 3.27 21.24 -4.10
N VAL B 249 2.42 20.63 -3.27
CA VAL B 249 1.81 19.35 -3.60
C VAL B 249 0.79 19.54 -4.70
N VAL B 250 0.69 18.56 -5.60
CA VAL B 250 -0.20 18.64 -6.74
C VAL B 250 -0.79 17.26 -7.02
N SER B 251 -1.99 17.25 -7.57
CA SER B 251 -2.65 16.03 -8.01
C SER B 251 -2.44 15.83 -9.50
N ILE B 252 -2.67 14.61 -9.95
CA ILE B 252 -2.67 14.27 -11.37
C ILE B 252 -3.75 13.22 -11.60
N ASP B 253 -4.46 13.35 -12.72
CA ASP B 253 -5.51 12.40 -13.05
C ASP B 253 -5.08 11.51 -14.21
N ARG B 254 -5.98 10.59 -14.57
CA ARG B 254 -5.78 9.68 -15.68
C ARG B 254 -5.09 10.32 -16.89
N PHE B 255 -5.54 11.52 -17.27
CA PHE B 255 -5.12 12.15 -18.50
C PHE B 255 -3.93 13.09 -18.33
N LEU B 256 -3.12 12.88 -17.28
CA LEU B 256 -1.91 13.66 -17.06
C LEU B 256 -2.21 15.14 -16.89
N ARG B 257 -3.38 15.47 -16.36
CA ARG B 257 -3.73 16.84 -16.00
C ARG B 257 -3.31 17.09 -14.57
N VAL B 258 -2.34 17.98 -14.38
CA VAL B 258 -1.83 18.31 -13.06
C VAL B 258 -2.64 19.48 -12.50
N ARG B 259 -3.14 19.32 -11.29
CA ARG B 259 -3.95 20.34 -10.62
C ARG B 259 -3.34 20.70 -9.27
N ASP B 260 -3.37 22.00 -8.95
CA ASP B 260 -2.95 22.47 -7.64
C ASP B 260 -4.03 22.16 -6.61
N GLN B 261 -3.84 22.65 -5.38
CA GLN B 261 -4.80 22.38 -4.31
C GLN B 261 -6.16 23.01 -4.60
N ARG B 262 -6.19 24.25 -5.12
CA ARG B 262 -7.49 24.84 -5.44
C ARG B 262 -8.14 24.22 -6.66
N GLY B 263 -7.48 23.29 -7.35
CA GLY B 263 -8.08 22.61 -8.46
C GLY B 263 -7.78 23.18 -9.83
N ASN B 264 -6.87 24.15 -9.93
CA ASN B 264 -6.55 24.74 -11.22
C ASN B 264 -5.54 23.87 -11.97
N VAL B 265 -5.78 23.68 -13.26
CA VAL B 265 -4.91 22.86 -14.10
C VAL B 265 -3.59 23.59 -14.28
N LEU B 266 -2.54 23.09 -13.65
CA LEU B 266 -1.22 23.67 -13.84
C LEU B 266 -0.58 23.21 -15.14
N LEU B 267 -0.71 21.93 -15.46
CA LEU B 267 -0.04 21.36 -16.62
C LEU B 267 -0.96 20.34 -17.29
N SER B 268 -0.67 20.09 -18.57
CA SER B 268 -1.32 19.01 -19.32
C SER B 268 -0.42 18.63 -20.47
N PRO B 269 -0.58 17.43 -21.03
CA PRO B 269 0.16 17.10 -22.26
C PRO B 269 0.05 18.19 -23.32
N GLU B 270 -1.10 18.85 -23.38
CA GLU B 270 -1.37 19.90 -24.35
C GLU B 270 -0.39 21.07 -24.27
N GLU B 271 0.35 21.20 -23.16
CA GLU B 271 1.20 22.36 -22.90
C GLU B 271 2.69 22.03 -22.97
N VAL B 272 3.06 20.92 -23.57
CA VAL B 272 4.47 20.52 -23.70
C VAL B 272 4.98 20.89 -25.07
N SER B 273 6.21 21.39 -25.13
CA SER B 273 6.80 21.87 -26.38
C SER B 273 7.23 20.68 -27.26
N GLU B 274 7.83 21.01 -28.40
CA GLU B 274 8.35 20.00 -29.31
C GLU B 274 9.86 19.83 -29.11
N THR B 278 18.46 15.77 -29.60
CA THR B 278 19.91 15.69 -29.60
C THR B 278 20.42 15.67 -28.17
N GLU B 279 20.27 14.53 -27.51
CA GLU B 279 20.55 14.40 -26.09
C GLU B 279 22.04 14.15 -25.84
N ARG B 280 22.60 14.84 -24.83
CA ARG B 280 24.00 14.64 -24.49
C ARG B 280 24.26 13.37 -23.69
N LEU B 281 23.23 12.71 -23.17
CA LEU B 281 23.45 11.51 -22.35
C LEU B 281 22.63 10.34 -22.94
N THR B 282 22.78 9.17 -22.32
CA THR B 282 22.28 7.92 -22.87
C THR B 282 20.85 7.67 -22.37
N ILE B 283 19.87 7.83 -23.27
CA ILE B 283 18.48 7.57 -22.97
C ILE B 283 18.11 6.19 -23.53
N THR B 284 17.89 5.22 -22.65
CA THR B 284 17.42 3.90 -23.03
C THR B 284 15.94 3.79 -22.67
N TYR B 285 15.08 3.80 -23.71
CA TYR B 285 13.63 3.77 -23.53
C TYR B 285 13.13 2.34 -23.35
N SER B 286 12.83 1.97 -22.12
CA SER B 286 12.16 0.70 -21.83
C SER B 286 10.75 0.95 -21.32
N ASN C 6 23.20 8.95 18.40
CA ASN C 6 22.76 9.87 19.44
C ASN C 6 21.70 9.22 20.32
N ASP C 7 21.99 9.14 21.63
CA ASP C 7 21.08 8.49 22.57
C ASP C 7 19.91 9.39 22.97
N ASP C 8 20.03 10.71 22.77
CA ASP C 8 18.93 11.60 23.14
C ASP C 8 17.72 11.39 22.23
N ILE C 9 17.95 11.21 20.93
CA ILE C 9 16.85 10.95 20.01
C ILE C 9 16.14 9.66 20.40
N ASP C 10 16.90 8.58 20.62
CA ASP C 10 16.30 7.30 20.96
C ASP C 10 15.43 7.40 22.20
N GLN C 11 16.00 7.92 23.30
CA GLN C 11 15.25 8.07 24.54
C GLN C 11 13.92 8.77 24.30
N SER C 12 13.92 9.83 23.49
CA SER C 12 12.69 10.57 23.23
C SER C 12 11.78 9.84 22.26
N LEU C 13 12.35 9.22 21.22
CA LEU C 13 11.57 8.42 20.30
C LEU C 13 10.79 7.34 21.04
N ILE C 14 11.47 6.60 21.91
CA ILE C 14 10.81 5.55 22.69
C ILE C 14 9.67 6.15 23.50
N ILE C 15 9.94 7.24 24.22
CA ILE C 15 8.89 7.87 25.03
C ILE C 15 7.72 8.26 24.14
N ALA C 16 8.01 8.84 22.97
CA ALA C 16 6.93 9.23 22.07
C ALA C 16 6.18 8.01 21.54
N ALA C 17 6.92 6.99 21.11
CA ALA C 17 6.28 5.79 20.58
C ALA C 17 5.35 5.16 21.61
N ARG C 18 5.82 5.03 22.85
CA ARG C 18 5.01 4.40 23.89
C ARG C 18 3.68 5.14 24.06
N ASN C 19 3.74 6.47 24.23
CA ASN C 19 2.51 7.23 24.40
C ASN C 19 1.55 7.02 23.23
N ILE C 20 2.08 7.02 22.00
CA ILE C 20 1.23 6.86 20.83
C ILE C 20 0.52 5.51 20.86
N VAL C 21 1.23 4.45 21.25
CA VAL C 21 0.64 3.12 21.27
C VAL C 21 -0.46 3.05 22.33
N ARG C 22 -0.22 3.63 23.51
CA ARG C 22 -1.24 3.64 24.55
C ARG C 22 -2.49 4.39 24.10
N ARG C 23 -2.31 5.60 23.54
CA ARG C 23 -3.47 6.36 23.10
C ARG C 23 -4.16 5.72 21.91
N ALA C 24 -3.40 5.06 21.03
CA ALA C 24 -4.02 4.39 19.89
C ALA C 24 -4.79 3.15 20.32
N SER C 25 -4.20 2.36 21.23
CA SER C 25 -4.81 1.10 21.65
C SER C 25 -6.24 1.29 22.15
N VAL C 26 -6.53 2.44 22.79
CA VAL C 26 -7.87 2.68 23.32
C VAL C 26 -8.83 3.20 22.28
N SER C 27 -8.39 3.31 21.01
CA SER C 27 -9.28 3.72 19.95
C SER C 27 -10.04 2.51 19.40
N ALA C 28 -11.10 2.80 18.65
CA ALA C 28 -11.85 1.73 17.99
C ALA C 28 -11.02 1.09 16.90
N ASP C 29 -10.24 1.90 16.16
CA ASP C 29 -9.31 1.41 15.15
C ASP C 29 -7.92 1.89 15.55
N PRO C 30 -7.25 1.18 16.46
CA PRO C 30 -5.94 1.64 16.92
C PRO C 30 -4.94 1.83 15.80
N LEU C 31 -4.98 1.00 14.75
CA LEU C 31 -4.00 1.12 13.69
C LEU C 31 -4.14 2.45 12.96
N ALA C 32 -5.35 2.77 12.51
CA ALA C 32 -5.59 4.08 11.91
C ALA C 32 -5.19 5.20 12.86
N SER C 33 -5.55 5.08 14.14
N SER C 33 -5.55 5.09 14.14
N SER C 33 -5.54 5.08 14.13
CA SER C 33 -5.21 6.12 15.10
CA SER C 33 -5.21 6.12 15.10
CA SER C 33 -5.21 6.12 15.10
C SER C 33 -3.70 6.25 15.27
C SER C 33 -3.69 6.25 15.26
C SER C 33 -3.70 6.24 15.28
N LEU C 34 -2.98 5.12 15.25
CA LEU C 34 -1.54 5.16 15.42
C LEU C 34 -0.86 5.80 14.21
N LEU C 35 -1.35 5.51 13.01
CA LEU C 35 -0.72 6.08 11.81
C LEU C 35 -0.89 7.58 11.74
N GLU C 36 -2.04 8.11 12.16
CA GLU C 36 -2.22 9.55 12.20
C GLU C 36 -1.25 10.20 13.19
N MET C 37 -1.09 9.60 14.37
CA MET C 37 -0.22 10.19 15.37
C MET C 37 1.23 10.17 14.92
N CYS C 38 1.68 9.06 14.32
CA CYS C 38 3.04 9.00 13.82
C CYS C 38 3.23 9.97 12.65
N HIS C 39 2.17 10.21 11.89
CA HIS C 39 2.27 11.07 10.71
C HIS C 39 2.57 12.51 11.11
N SER C 40 1.97 12.99 12.20
CA SER C 40 2.07 14.39 12.60
C SER C 40 3.05 14.64 13.73
N THR C 41 3.31 13.65 14.59
CA THR C 41 4.18 13.89 15.74
C THR C 41 5.60 14.20 15.29
N GLN C 42 6.22 15.14 16.00
CA GLN C 42 7.58 15.60 15.70
C GLN C 42 8.43 15.51 16.95
N ILE C 43 9.66 15.02 16.79
CA ILE C 43 10.62 14.88 17.89
C ILE C 43 11.82 15.76 17.56
N GLY C 44 12.05 16.77 18.39
CA GLY C 44 13.17 17.67 18.18
C GLY C 44 13.16 18.31 16.81
N GLY C 45 12.01 18.76 16.34
CA GLY C 45 11.90 19.37 15.03
C GLY C 45 11.56 18.39 13.92
N THR C 46 12.36 17.33 13.80
CA THR C 46 12.16 16.36 12.74
C THR C 46 10.86 15.59 12.92
N ARG C 47 10.26 15.18 11.81
CA ARG C 47 9.02 14.41 11.83
C ARG C 47 9.30 12.98 12.24
N MET C 48 8.37 12.38 12.97
CA MET C 48 8.60 11.06 13.54
C MET C 48 8.77 10.01 12.46
N VAL C 49 7.86 9.99 11.48
CA VAL C 49 8.00 9.10 10.33
C VAL C 49 9.43 9.11 9.81
N ASP C 50 10.03 10.30 9.68
CA ASP C 50 11.40 10.37 9.16
C ASP C 50 12.41 9.77 10.12
N ILE C 51 12.12 9.81 11.43
CA ILE C 51 13.01 9.19 12.40
C ILE C 51 12.91 7.67 12.32
N LEU C 52 11.68 7.16 12.39
CA LEU C 52 11.47 5.72 12.33
C LEU C 52 12.15 5.11 11.11
N ARG C 53 12.11 5.80 9.96
CA ARG C 53 12.70 5.24 8.75
C ARG C 53 14.20 5.04 8.90
N GLN C 54 14.88 5.94 9.62
CA GLN C 54 16.33 5.95 9.70
C GLN C 54 16.88 5.53 11.05
N ASN C 55 16.06 5.50 12.11
CA ASN C 55 16.60 5.19 13.43
C ASN C 55 16.72 3.68 13.61
N PRO C 56 17.81 3.20 14.23
CA PRO C 56 18.01 1.75 14.39
C PRO C 56 17.40 1.15 15.66
N THR C 57 16.82 1.96 16.54
CA THR C 57 16.34 1.45 17.82
C THR C 57 15.33 0.33 17.62
N GLU C 58 15.48 -0.75 18.39
CA GLU C 58 14.52 -1.85 18.44
C GLU C 58 13.88 -1.83 19.83
N GLU C 59 12.58 -1.54 19.85
CA GLU C 59 11.84 -1.47 21.11
C GLU C 59 10.38 -1.79 20.82
N GLN C 60 9.68 -2.27 21.85
CA GLN C 60 8.31 -2.76 21.67
C GLN C 60 7.44 -1.71 20.99
N ALA C 61 7.27 -0.55 21.63
CA ALA C 61 6.41 0.49 21.06
C ALA C 61 6.96 1.00 19.74
N VAL C 62 8.29 1.19 19.66
CA VAL C 62 8.89 1.71 18.44
C VAL C 62 8.66 0.76 17.27
N ASP C 63 8.92 -0.53 17.48
CA ASP C 63 8.79 -1.50 16.40
C ASP C 63 7.33 -1.71 15.99
N ILE C 64 6.39 -1.49 16.90
CA ILE C 64 4.98 -1.47 16.50
C ILE C 64 4.75 -0.36 15.48
N CYS C 65 5.25 0.84 15.78
CA CYS C 65 5.11 1.95 14.84
C CYS C 65 5.83 1.65 13.53
N LYS C 66 7.04 1.12 13.60
CA LYS C 66 7.75 0.72 12.39
C LYS C 66 6.94 -0.27 11.57
N ALA C 67 6.43 -1.32 12.22
CA ALA C 67 5.62 -2.30 11.51
C ALA C 67 4.39 -1.66 10.88
N ALA C 68 3.80 -0.66 11.55
CA ALA C 68 2.57 -0.05 11.06
C ALA C 68 2.76 0.56 9.68
N MET C 69 3.98 0.97 9.34
CA MET C 69 4.28 1.53 8.03
C MET C 69 5.29 0.69 7.28
N GLY C 70 5.20 -0.64 7.44
CA GLY C 70 5.90 -1.55 6.57
C GLY C 70 7.40 -1.57 6.69
N LEU C 71 7.95 -1.19 7.85
CA LEU C 71 9.38 -1.23 8.06
C LEU C 71 9.79 -2.56 8.69
N ARG C 72 10.97 -3.04 8.31
CA ARG C 72 11.51 -4.27 8.88
C ARG C 72 11.91 -4.05 10.34
N ILE C 73 11.71 -5.08 11.16
CA ILE C 73 12.03 -5.02 12.58
C ILE C 73 12.71 -6.31 13.01
N SER C 74 13.18 -6.32 14.25
CA SER C 74 13.80 -7.51 14.83
C SER C 74 12.84 -8.70 14.76
N SER C 75 13.37 -9.86 14.36
CA SER C 75 12.57 -11.08 14.33
C SER C 75 12.21 -11.55 15.73
N SER C 76 13.01 -11.17 16.73
CA SER C 76 12.73 -11.55 18.11
C SER C 76 11.33 -11.09 18.53
N PHE C 77 10.80 -11.73 19.56
CA PHE C 77 9.47 -11.44 20.05
C PHE C 77 9.51 -11.16 21.55
N SER C 78 8.54 -10.39 22.01
CA SER C 78 8.45 -9.97 23.40
C SER C 78 7.34 -10.74 24.11
N PHE C 79 7.67 -11.28 25.28
CA PHE C 79 6.69 -11.91 26.15
C PHE C 79 7.05 -11.60 27.60
N GLY C 80 6.09 -11.07 28.35
CA GLY C 80 6.35 -10.66 29.72
C GLY C 80 7.47 -9.66 29.87
N GLY C 81 7.67 -8.78 28.89
CA GLY C 81 8.72 -7.80 28.94
C GLY C 81 10.08 -8.28 28.47
N PHE C 82 10.28 -9.59 28.37
CA PHE C 82 11.56 -10.15 27.98
C PHE C 82 11.60 -10.37 26.47
N THR C 83 12.76 -10.13 25.88
CA THR C 83 12.97 -10.26 24.44
C THR C 83 13.56 -11.64 24.17
N PHE C 84 12.76 -12.51 23.56
CA PHE C 84 13.16 -13.87 23.23
C PHE C 84 13.84 -13.89 21.87
N LYS C 85 15.02 -14.51 21.79
CA LYS C 85 15.68 -14.78 20.53
C LYS C 85 15.98 -16.28 20.44
N ARG C 86 15.62 -16.87 19.31
CA ARG C 86 15.78 -18.31 19.11
C ARG C 86 17.21 -18.60 18.68
N THR C 87 17.98 -19.23 19.57
CA THR C 87 19.37 -19.55 19.26
C THR C 87 19.51 -20.86 18.52
N SER C 88 18.62 -21.82 18.76
CA SER C 88 18.68 -23.11 18.09
C SER C 88 17.31 -23.77 18.14
N GLY C 89 17.04 -24.60 17.15
CA GLY C 89 15.83 -25.39 17.13
C GLY C 89 14.68 -24.71 16.42
N SER C 90 13.53 -25.37 16.51
CA SER C 90 12.32 -24.89 15.85
C SER C 90 11.11 -25.59 16.47
N SER C 91 9.93 -25.04 16.21
CA SER C 91 8.69 -25.65 16.66
C SER C 91 7.60 -25.37 15.64
N ILE C 92 6.42 -25.95 15.89
CA ILE C 92 5.24 -25.73 15.07
C ILE C 92 4.06 -25.53 16.02
N LYS C 93 3.02 -24.88 15.51
CA LYS C 93 1.85 -24.56 16.31
C LYS C 93 0.82 -25.69 16.22
N ARG C 94 0.09 -25.89 17.31
CA ARG C 94 -0.98 -26.88 17.36
C ARG C 94 -1.95 -26.46 18.45
N GLU C 95 -3.11 -25.97 18.05
CA GLU C 95 -4.10 -25.44 18.98
C GLU C 95 -4.72 -26.52 19.86
N GLU C 96 -4.08 -26.81 21.00
CA GLU C 96 -4.62 -27.72 21.99
C GLU C 96 -5.56 -26.99 22.95
N GLU C 97 -6.26 -27.78 23.78
CA GLU C 97 -7.13 -27.28 24.83
C GLU C 97 -6.72 -27.91 26.14
N VAL C 98 -6.28 -27.10 27.09
CA VAL C 98 -5.79 -27.58 28.37
C VAL C 98 -6.76 -27.17 29.47
N LEU C 99 -6.52 -27.67 30.68
CA LEU C 99 -7.41 -27.48 31.82
C LEU C 99 -6.64 -26.89 32.97
N THR C 100 -7.09 -25.74 33.48
CA THR C 100 -6.43 -25.07 34.59
C THR C 100 -6.75 -25.79 35.90
N GLY C 101 -6.12 -25.33 36.99
CA GLY C 101 -6.41 -25.85 38.31
C GLY C 101 -7.72 -25.39 38.89
N ASN C 102 -8.46 -24.53 38.19
CA ASN C 102 -9.84 -24.20 38.51
C ASN C 102 -10.80 -24.80 37.48
N LEU C 103 -10.35 -25.83 36.79
CA LEU C 103 -11.13 -26.54 35.78
C LEU C 103 -11.65 -25.60 34.69
N GLN C 104 -10.95 -24.51 34.46
CA GLN C 104 -11.24 -23.63 33.34
C GLN C 104 -10.46 -24.12 32.13
N THR C 105 -11.17 -24.31 31.01
CA THR C 105 -10.55 -24.77 29.79
C THR C 105 -10.05 -23.59 28.98
N LEU C 106 -8.85 -23.71 28.43
CA LEU C 106 -8.23 -22.66 27.64
C LEU C 106 -7.73 -23.27 26.34
N LYS C 107 -8.03 -22.62 25.22
CA LYS C 107 -7.47 -23.02 23.93
C LYS C 107 -6.18 -22.25 23.70
N ILE C 108 -5.05 -22.97 23.72
CA ILE C 108 -3.72 -22.39 23.67
C ILE C 108 -3.02 -22.91 22.43
N ARG C 109 -2.22 -22.05 21.80
CA ARG C 109 -1.35 -22.47 20.71
C ARG C 109 -0.11 -23.14 21.32
N VAL C 110 -0.11 -24.47 21.33
CA VAL C 110 1.01 -25.22 21.89
C VAL C 110 2.07 -25.40 20.81
N HIS C 111 3.31 -25.17 21.17
CA HIS C 111 4.44 -25.26 20.25
C HIS C 111 5.13 -26.61 20.45
N GLU C 112 5.25 -27.39 19.38
CA GLU C 112 5.81 -28.73 19.43
C GLU C 112 7.19 -28.72 18.79
N GLY C 113 8.22 -28.94 19.60
CA GLY C 113 9.59 -29.04 19.10
C GLY C 113 10.56 -28.52 20.13
N TYR C 114 11.80 -28.98 20.01
CA TYR C 114 12.86 -28.56 20.91
C TYR C 114 13.46 -27.25 20.41
N GLU C 115 13.51 -26.24 21.29
CA GLU C 115 14.02 -24.92 20.95
C GLU C 115 14.97 -24.44 22.03
N GLU C 116 15.90 -23.58 21.62
CA GLU C 116 16.80 -22.88 22.52
C GLU C 116 16.57 -21.38 22.36
N PHE C 117 16.53 -20.67 23.48
CA PHE C 117 16.19 -19.25 23.50
C PHE C 117 17.18 -18.48 24.34
N THR C 118 17.10 -17.16 24.23
CA THR C 118 17.76 -16.23 25.14
C THR C 118 16.74 -15.17 25.53
N MET C 119 16.46 -15.07 26.83
CA MET C 119 15.60 -14.03 27.35
C MET C 119 16.43 -12.84 27.80
N VAL C 120 15.99 -11.63 27.45
CA VAL C 120 16.70 -10.41 27.80
C VAL C 120 15.70 -9.39 28.34
N GLY C 121 16.06 -8.74 29.44
CA GLY C 121 15.21 -7.74 30.05
C GLY C 121 16.04 -6.62 30.64
N LYS C 122 15.33 -5.58 31.10
CA LYS C 122 16.00 -4.44 31.72
C LYS C 122 16.83 -4.88 32.94
N ARG C 123 16.35 -5.87 33.68
CA ARG C 123 16.98 -6.25 34.94
C ARG C 123 17.24 -7.74 35.07
N ALA C 124 17.18 -8.51 33.99
CA ALA C 124 17.51 -9.93 34.07
C ALA C 124 17.64 -10.50 32.66
N THR C 125 18.42 -11.59 32.56
CA THR C 125 18.55 -12.35 31.32
C THR C 125 18.48 -13.84 31.67
N ALA C 126 18.52 -14.68 30.65
CA ALA C 126 18.49 -16.12 30.86
C ALA C 126 18.74 -16.83 29.54
N ILE C 127 19.16 -18.10 29.66
CA ILE C 127 19.16 -19.05 28.55
C ILE C 127 18.11 -20.09 28.85
N LEU C 128 17.18 -20.31 27.92
CA LEU C 128 16.04 -21.19 28.12
C LEU C 128 16.05 -22.29 27.08
N ARG C 129 16.17 -23.53 27.53
CA ARG C 129 15.96 -24.71 26.71
C ARG C 129 14.59 -25.28 27.03
N LYS C 130 13.80 -25.58 26.00
CA LYS C 130 12.48 -26.15 26.21
C LYS C 130 12.11 -27.01 25.02
N ALA C 131 11.05 -27.79 25.21
CA ALA C 131 10.43 -28.57 24.15
C ALA C 131 8.94 -28.66 24.47
N THR C 132 8.22 -29.41 23.62
CA THR C 132 6.77 -29.52 23.74
C THR C 132 6.28 -29.59 25.18
N ARG C 133 5.79 -28.47 25.70
CA ARG C 133 5.22 -28.38 27.05
C ARG C 133 6.19 -28.91 28.10
N ARG C 134 7.46 -28.54 27.97
CA ARG C 134 8.51 -29.03 28.87
C ARG C 134 9.63 -28.01 28.94
N LEU C 135 9.89 -27.51 30.15
CA LEU C 135 11.07 -26.69 30.41
C LEU C 135 12.25 -27.60 30.72
N VAL C 136 13.17 -27.71 29.76
CA VAL C 136 14.36 -28.53 29.97
C VAL C 136 15.31 -27.84 30.96
N GLN C 137 15.73 -26.63 30.65
CA GLN C 137 16.80 -25.98 31.39
C GLN C 137 16.63 -24.47 31.32
N LEU C 138 16.90 -23.81 32.45
CA LEU C 138 16.84 -22.34 32.52
C LEU C 138 18.01 -21.86 33.37
N ILE C 139 18.88 -21.04 32.79
CA ILE C 139 19.98 -20.43 33.53
C ILE C 139 19.73 -18.94 33.63
N VAL C 140 18.88 -18.53 34.58
CA VAL C 140 18.60 -17.11 34.78
C VAL C 140 19.79 -16.45 35.48
N SER C 141 19.93 -15.13 35.25
CA SER C 141 21.02 -14.37 35.87
C SER C 141 20.61 -12.89 35.82
N GLY C 142 20.08 -12.40 36.93
CA GLY C 142 19.53 -11.06 36.98
C GLY C 142 20.18 -10.14 37.99
N ARG C 143 19.55 -8.98 38.20
CA ARG C 143 20.08 -7.99 39.14
C ARG C 143 19.98 -8.49 40.57
N ASP C 144 18.77 -8.80 41.02
CA ASP C 144 18.52 -9.19 42.39
C ASP C 144 17.40 -10.22 42.42
N GLU C 145 16.89 -10.49 43.62
CA GLU C 145 15.85 -11.51 43.78
C GLU C 145 14.64 -11.20 42.91
N GLN C 146 14.06 -10.00 43.08
CA GLN C 146 12.81 -9.68 42.39
C GLN C 146 12.96 -9.78 40.88
N SER C 147 14.03 -9.20 40.33
CA SER C 147 14.23 -9.24 38.89
C SER C 147 14.38 -10.66 38.37
N ILE C 148 14.97 -11.54 39.17
CA ILE C 148 15.18 -12.93 38.75
C ILE C 148 13.88 -13.72 38.84
N ALA C 149 13.09 -13.50 39.89
CA ALA C 149 11.80 -14.16 40.00
C ALA C 149 10.93 -13.87 38.78
N GLU C 150 10.86 -12.60 38.39
CA GLU C 150 10.11 -12.22 37.19
C GLU C 150 10.53 -13.06 35.99
N ALA C 151 11.83 -13.27 35.82
CA ALA C 151 12.31 -14.03 34.67
C ALA C 151 11.90 -15.49 34.74
N ILE C 152 11.87 -16.06 35.95
CA ILE C 152 11.48 -17.46 36.08
C ILE C 152 9.99 -17.63 35.82
N ILE C 153 9.16 -16.70 36.29
CA ILE C 153 7.72 -16.78 36.06
C ILE C 153 7.41 -16.77 34.57
N VAL C 154 8.05 -15.87 33.83
CA VAL C 154 7.86 -15.84 32.38
C VAL C 154 8.28 -17.17 31.77
N ALA C 155 9.44 -17.68 32.17
CA ALA C 155 9.92 -18.95 31.65
C ALA C 155 8.91 -20.07 31.90
N MET C 156 8.39 -20.15 33.13
CA MET C 156 7.47 -21.23 33.46
C MET C 156 6.19 -21.14 32.63
N VAL C 157 5.60 -19.96 32.53
CA VAL C 157 4.41 -19.80 31.72
C VAL C 157 4.73 -20.03 30.25
N PHE C 158 5.90 -19.55 29.81
CA PHE C 158 6.31 -19.76 28.43
C PHE C 158 6.47 -21.24 28.09
N SER C 159 6.83 -22.05 29.09
CA SER C 159 7.10 -23.47 28.83
C SER C 159 5.83 -24.23 28.46
N GLN C 160 4.68 -23.80 28.98
CA GLN C 160 3.40 -24.48 28.75
C GLN C 160 3.33 -25.84 29.43
N GLU C 161 4.08 -26.02 30.52
CA GLU C 161 4.04 -27.28 31.25
C GLU C 161 2.71 -27.45 31.97
N ASP C 162 2.28 -28.70 32.11
CA ASP C 162 0.99 -28.98 32.75
C ASP C 162 0.99 -28.54 34.20
N CYS C 163 2.11 -28.73 34.91
CA CYS C 163 2.16 -28.31 36.31
C CYS C 163 1.91 -26.81 36.45
N MET C 164 2.35 -26.03 35.47
CA MET C 164 2.05 -24.59 35.48
C MET C 164 0.58 -24.32 35.21
N ILE C 165 -0.02 -25.05 34.26
CA ILE C 165 -1.44 -24.87 33.95
C ILE C 165 -2.27 -25.21 35.18
N LYS C 166 -2.03 -26.38 35.78
CA LYS C 166 -2.79 -26.79 36.96
C LYS C 166 -2.45 -25.97 38.19
N ALA C 167 -1.33 -25.25 38.19
CA ALA C 167 -1.01 -24.37 39.31
C ALA C 167 -1.94 -23.16 39.38
N VAL C 168 -2.68 -22.87 38.32
CA VAL C 168 -3.67 -21.80 38.37
C VAL C 168 -4.69 -22.11 39.45
N ARG C 169 -5.07 -21.08 40.22
CA ARG C 169 -6.05 -21.22 41.28
C ARG C 169 -7.02 -20.03 41.19
N GLY C 170 -7.81 -20.03 40.12
CA GLY C 170 -8.82 -19.01 39.92
C GLY C 170 -9.30 -19.01 38.49
N ASP C 171 -10.30 -18.18 38.24
CA ASP C 171 -10.82 -17.98 36.90
C ASP C 171 -10.14 -16.75 36.30
N LEU C 172 -9.55 -16.92 35.13
CA LEU C 172 -8.72 -15.88 34.50
C LEU C 172 -9.60 -15.02 33.60
N ASN C 173 -9.84 -13.78 34.03
CA ASN C 173 -10.66 -12.83 33.29
C ASN C 173 -9.96 -11.48 33.17
N PHE C 174 -8.66 -11.51 32.87
CA PHE C 174 -7.89 -10.27 32.72
C PHE C 174 -8.22 -9.59 31.39
N VAL C 175 -8.38 -8.27 31.44
CA VAL C 175 -8.61 -7.45 30.26
C VAL C 175 -7.55 -6.36 30.21
N ASN C 176 -7.53 -5.62 29.11
CA ASN C 176 -6.53 -4.60 28.86
C ASN C 176 -7.16 -3.21 28.87
N ARG C 177 -6.38 -2.20 28.48
CA ARG C 177 -6.87 -0.83 28.46
C ARG C 177 -8.14 -0.69 27.64
N ALA C 178 -8.23 -1.42 26.53
CA ALA C 178 -9.40 -1.38 25.67
C ALA C 178 -10.52 -2.30 26.12
N ASN C 179 -10.41 -2.86 27.34
CA ASN C 179 -11.45 -3.73 27.90
C ASN C 179 -11.71 -4.93 27.00
N GLN C 180 -10.64 -5.45 26.39
CA GLN C 180 -10.70 -6.69 25.62
C GLN C 180 -10.07 -7.82 26.42
N ARG C 181 -10.57 -9.02 26.22
CA ARG C 181 -10.00 -10.18 26.90
C ARG C 181 -8.60 -10.47 26.37
N LEU C 182 -7.68 -10.74 27.28
CA LEU C 182 -6.32 -11.10 26.89
C LEU C 182 -6.30 -12.51 26.34
N ASN C 183 -5.40 -12.75 25.40
CA ASN C 183 -5.26 -14.08 24.84
C ASN C 183 -4.68 -15.02 25.90
N PRO C 184 -4.97 -16.32 25.79
CA PRO C 184 -4.68 -17.26 26.88
C PRO C 184 -3.31 -17.12 27.55
N MET C 185 -2.22 -17.14 26.77
CA MET C 185 -0.89 -17.11 27.38
C MET C 185 -0.67 -15.87 28.24
N HIS C 186 -1.28 -14.74 27.87
CA HIS C 186 -1.17 -13.55 28.71
C HIS C 186 -2.09 -13.64 29.93
N GLN C 187 -3.24 -14.29 29.80
CA GLN C 187 -4.09 -14.56 30.96
C GLN C 187 -3.29 -15.29 32.04
N LEU C 188 -2.59 -16.35 31.64
CA LEU C 188 -1.74 -17.07 32.58
C LEU C 188 -0.65 -16.16 33.15
N LEU C 189 0.00 -15.38 32.29
CA LEU C 189 1.14 -14.57 32.73
C LEU C 189 0.70 -13.55 33.79
N ARG C 190 -0.37 -12.81 33.51
CA ARG C 190 -0.82 -11.79 34.45
C ARG C 190 -1.27 -12.40 35.78
N HIS C 191 -1.78 -13.63 35.75
CA HIS C 191 -2.18 -14.29 36.98
C HIS C 191 -0.98 -14.64 37.85
N PHE C 192 0.05 -15.24 37.26
CA PHE C 192 1.23 -15.63 38.01
C PHE C 192 2.15 -14.46 38.34
N GLN C 193 1.93 -13.29 37.75
CA GLN C 193 2.65 -12.10 38.17
C GLN C 193 2.01 -11.45 39.39
N LYS C 194 0.68 -11.57 39.52
CA LYS C 194 0.03 -11.08 40.73
C LYS C 194 0.51 -11.84 41.96
N ASP C 195 0.76 -13.14 41.81
CA ASP C 195 1.25 -13.97 42.92
C ASP C 195 1.76 -15.28 42.35
N ALA C 196 3.06 -15.52 42.50
CA ALA C 196 3.70 -16.74 42.04
C ALA C 196 3.91 -17.74 43.16
N LYS C 197 3.15 -17.63 44.25
CA LYS C 197 3.33 -18.54 45.38
C LYS C 197 3.04 -19.98 44.96
N VAL C 198 1.82 -20.24 44.48
CA VAL C 198 1.40 -21.60 44.18
C VAL C 198 2.22 -22.18 43.04
N LEU C 199 2.50 -21.37 42.02
CA LEU C 199 3.27 -21.86 40.87
C LEU C 199 4.58 -22.50 41.30
N PHE C 200 5.32 -21.84 42.20
CA PHE C 200 6.64 -22.32 42.57
C PHE C 200 6.57 -23.59 43.41
N GLN C 201 5.57 -23.70 44.28
CA GLN C 201 5.41 -24.91 45.09
C GLN C 201 5.22 -26.14 44.19
N ASN C 202 4.20 -26.11 43.34
CA ASN C 202 3.83 -27.26 42.53
C ASN C 202 4.83 -27.55 41.41
N TRP C 203 5.74 -26.63 41.12
CA TRP C 203 6.72 -26.90 40.07
C TRP C 203 7.61 -28.09 40.43
N GLY C 204 8.00 -28.18 41.71
CA GLY C 204 8.77 -29.30 42.16
C GLY C 204 10.26 -29.01 42.26
N ILE C 205 10.89 -29.57 43.29
CA ILE C 205 12.31 -29.38 43.53
C ILE C 205 13.04 -30.68 43.19
N GLU C 206 14.37 -30.61 43.17
CA GLU C 206 15.17 -31.78 42.84
C GLU C 206 16.59 -31.56 43.33
N HIS C 207 17.33 -32.67 43.40
CA HIS C 207 18.71 -32.63 43.86
C HIS C 207 19.60 -32.18 42.70
N ILE C 208 20.47 -31.20 42.97
CA ILE C 208 21.32 -30.62 41.95
C ILE C 208 22.78 -30.89 42.30
N ASP C 209 23.60 -31.01 41.26
CA ASP C 209 25.01 -31.38 41.39
C ASP C 209 25.85 -30.11 41.22
N ASN C 210 26.04 -29.41 42.33
CA ASN C 210 26.78 -28.15 42.38
C ASN C 210 27.89 -28.06 41.35
N VAL C 211 27.71 -27.21 40.34
CA VAL C 211 28.74 -26.87 39.37
C VAL C 211 29.06 -25.39 39.53
N MET C 212 30.28 -25.03 39.17
CA MET C 212 30.71 -23.63 39.29
C MET C 212 29.76 -22.72 38.53
N GLY C 213 29.52 -21.54 39.11
CA GLY C 213 28.58 -20.58 38.54
C GLY C 213 27.12 -20.90 38.79
N MET C 214 26.73 -22.16 38.59
CA MET C 214 25.33 -22.57 38.72
C MET C 214 24.98 -22.69 40.20
N VAL C 215 24.12 -21.79 40.68
CA VAL C 215 23.60 -21.83 42.04
C VAL C 215 22.10 -22.09 41.95
N GLY C 216 21.61 -23.01 42.78
CA GLY C 216 20.21 -23.34 42.79
C GLY C 216 19.37 -22.25 43.44
N VAL C 217 18.05 -22.42 43.32
CA VAL C 217 17.09 -21.52 43.97
C VAL C 217 15.86 -22.32 44.33
N LEU C 218 15.21 -21.92 45.42
CA LEU C 218 14.09 -22.65 45.99
C LEU C 218 12.79 -21.86 45.84
N PRO C 219 11.64 -22.51 46.04
CA PRO C 219 10.34 -21.83 45.86
C PRO C 219 10.17 -20.55 46.65
N ASP C 220 10.93 -20.40 47.73
CA ASP C 220 10.91 -19.16 48.52
C ASP C 220 11.92 -18.14 48.02
N MET C 221 12.57 -18.41 46.89
CA MET C 221 13.62 -17.54 46.36
C MET C 221 14.78 -17.42 47.34
N THR C 222 15.33 -18.58 47.71
CA THR C 222 16.53 -18.67 48.51
C THR C 222 17.48 -19.67 47.86
N PRO C 223 18.77 -19.38 47.80
CA PRO C 223 19.68 -20.26 47.06
C PRO C 223 19.96 -21.55 47.82
N SER C 224 20.69 -22.45 47.15
CA SER C 224 21.16 -23.69 47.76
C SER C 224 22.02 -24.47 46.77
N THR C 225 23.20 -24.91 47.21
CA THR C 225 24.07 -25.72 46.38
C THR C 225 23.66 -27.18 46.33
N GLU C 226 22.68 -27.60 47.12
CA GLU C 226 22.26 -28.99 47.20
C GLU C 226 20.99 -29.27 46.42
N MET C 227 19.97 -28.43 46.57
CA MET C 227 18.68 -28.65 45.93
C MET C 227 18.17 -27.35 45.32
N SER C 228 17.50 -27.47 44.18
CA SER C 228 16.94 -26.33 43.47
C SER C 228 15.63 -26.75 42.84
N MET C 229 15.01 -25.82 42.11
CA MET C 229 13.80 -26.14 41.37
C MET C 229 14.16 -26.82 40.05
N ARG C 230 13.21 -27.60 39.54
CA ARG C 230 13.43 -28.45 38.38
C ARG C 230 13.84 -27.65 37.15
N GLY C 231 15.10 -27.80 36.73
CA GLY C 231 15.58 -27.20 35.50
C GLY C 231 16.11 -25.79 35.64
N ILE C 232 15.97 -25.16 36.80
CA ILE C 232 16.22 -23.74 36.98
C ILE C 232 17.52 -23.55 37.77
N ARG C 233 18.48 -22.90 37.14
CA ARG C 233 19.74 -22.53 37.77
C ARG C 233 19.90 -21.02 37.74
N VAL C 234 20.78 -20.51 38.59
CA VAL C 234 21.05 -19.08 38.69
C VAL C 234 22.53 -18.84 38.38
N SER C 235 22.83 -17.65 37.87
CA SER C 235 24.20 -17.30 37.53
C SER C 235 24.34 -15.78 37.69
N LYS C 236 25.31 -15.20 36.99
CA LYS C 236 25.64 -13.79 37.16
C LYS C 236 25.66 -13.06 35.83
N MET C 237 26.46 -13.53 34.87
CA MET C 237 26.53 -12.90 33.57
C MET C 237 27.04 -13.87 32.52
N GLU C 241 25.11 -11.29 27.16
CA GLU C 241 25.86 -11.38 25.91
C GLU C 241 25.28 -10.43 24.87
N TYR C 242 26.15 -9.92 24.00
CA TYR C 242 25.77 -8.99 22.94
C TYR C 242 25.92 -9.70 21.59
N SER C 243 24.81 -9.82 20.87
CA SER C 243 24.78 -10.59 19.63
C SER C 243 24.36 -9.75 18.44
N SER C 244 23.85 -10.39 17.39
CA SER C 244 23.44 -9.73 16.16
C SER C 244 21.92 -9.68 16.07
N THR C 245 21.43 -8.92 15.08
CA THR C 245 20.00 -8.66 14.93
C THR C 245 19.59 -8.93 13.48
N GLU C 246 18.61 -9.82 13.31
CA GLU C 246 18.01 -10.08 12.01
C GLU C 246 16.77 -9.19 11.84
N ARG C 247 16.69 -8.52 10.69
CA ARG C 247 15.56 -7.65 10.37
C ARG C 247 14.66 -8.37 9.39
N VAL C 248 13.35 -8.34 9.62
CA VAL C 248 12.41 -9.13 8.84
C VAL C 248 11.12 -8.36 8.61
N VAL C 249 10.42 -8.74 7.54
CA VAL C 249 9.10 -8.19 7.24
C VAL C 249 8.10 -8.74 8.25
N VAL C 250 7.13 -7.92 8.62
CA VAL C 250 6.13 -8.29 9.63
C VAL C 250 4.79 -7.68 9.26
N SER C 251 3.71 -8.34 9.67
CA SER C 251 2.36 -7.84 9.49
C SER C 251 1.88 -7.15 10.75
N ILE C 252 0.84 -6.33 10.59
CA ILE C 252 0.16 -5.68 11.71
C ILE C 252 -1.33 -5.62 11.40
N ASP C 253 -2.15 -5.84 12.41
CA ASP C 253 -3.60 -5.79 12.24
C ASP C 253 -4.18 -4.57 12.94
N ARG C 254 -5.51 -4.45 12.83
CA ARG C 254 -6.26 -3.38 13.46
C ARG C 254 -5.77 -3.03 14.86
N PHE C 255 -5.59 -4.04 15.71
CA PHE C 255 -5.27 -3.81 17.12
C PHE C 255 -3.77 -3.83 17.39
N LEU C 256 -2.95 -3.50 16.41
CA LEU C 256 -1.51 -3.33 16.61
C LEU C 256 -0.85 -4.62 17.08
N ARG C 257 -1.36 -5.77 16.67
CA ARG C 257 -0.70 -7.04 16.92
C ARG C 257 0.24 -7.33 15.74
N VAL C 258 1.54 -7.34 16.03
CA VAL C 258 2.55 -7.58 15.01
C VAL C 258 2.84 -9.07 14.95
N ARG C 259 2.79 -9.64 13.75
CA ARG C 259 3.02 -11.05 13.52
C ARG C 259 4.12 -11.25 12.49
N ASP C 260 4.95 -12.26 12.71
CA ASP C 260 5.94 -12.64 11.71
C ASP C 260 5.24 -13.36 10.56
N GLN C 261 6.03 -13.83 9.59
CA GLN C 261 5.44 -14.50 8.43
C GLN C 261 4.73 -15.78 8.84
N ARG C 262 5.32 -16.52 9.79
CA ARG C 262 4.75 -17.78 10.26
C ARG C 262 3.49 -17.59 11.11
N GLY C 263 3.10 -16.35 11.43
CA GLY C 263 1.87 -16.09 12.14
C GLY C 263 1.99 -15.94 13.64
N ASN C 264 3.20 -15.93 14.18
CA ASN C 264 3.38 -15.79 15.62
C ASN C 264 3.39 -14.31 16.01
N VAL C 265 2.70 -14.01 17.11
CA VAL C 265 2.60 -12.64 17.61
C VAL C 265 3.95 -12.21 18.17
N LEU C 266 4.64 -11.31 17.48
CA LEU C 266 5.91 -10.79 17.98
C LEU C 266 5.69 -9.70 19.03
N LEU C 267 4.74 -8.80 18.79
CA LEU C 267 4.52 -7.65 19.65
C LEU C 267 3.02 -7.38 19.75
N SER C 268 2.65 -6.68 20.82
CA SER C 268 1.30 -6.18 20.99
C SER C 268 1.34 -5.02 21.96
N PRO C 269 0.33 -4.15 21.97
CA PRO C 269 0.26 -3.13 23.02
C PRO C 269 0.48 -3.71 24.41
N GLU C 270 0.02 -4.95 24.62
CA GLU C 270 0.14 -5.61 25.92
C GLU C 270 1.58 -5.76 26.37
N GLU C 271 2.56 -5.60 25.48
CA GLU C 271 3.96 -5.88 25.79
C GLU C 271 4.82 -4.62 25.87
N VAL C 272 4.21 -3.44 26.00
CA VAL C 272 4.95 -2.19 26.10
C VAL C 272 5.04 -1.78 27.57
N SER C 273 6.20 -1.26 27.97
CA SER C 273 6.46 -0.93 29.36
C SER C 273 5.75 0.37 29.76
N GLU C 274 5.93 0.77 31.02
CA GLU C 274 5.38 2.03 31.52
C GLU C 274 6.42 3.12 31.58
N THR C 275 5.96 4.37 31.42
CA THR C 275 6.88 5.50 31.43
C THR C 275 6.62 6.43 32.61
N GLY C 277 8.75 9.78 31.72
CA GLY C 277 8.22 10.78 30.82
C GLY C 277 9.02 12.06 30.92
N THR C 278 10.34 11.90 30.77
CA THR C 278 11.30 12.97 30.98
C THR C 278 12.19 13.05 29.74
N GLU C 279 11.62 13.55 28.64
CA GLU C 279 12.27 13.49 27.34
C GLU C 279 13.30 14.61 27.18
N ARG C 280 14.45 14.24 26.61
CA ARG C 280 15.55 15.18 26.39
C ARG C 280 15.32 16.08 25.18
N LEU C 281 14.37 15.75 24.33
CA LEU C 281 14.09 16.48 23.10
C LEU C 281 12.61 16.89 23.08
N THR C 282 12.26 17.64 22.03
CA THR C 282 10.96 18.30 21.95
C THR C 282 9.96 17.38 21.26
N ILE C 283 9.03 16.83 22.03
CA ILE C 283 7.95 16.00 21.49
C ILE C 283 6.72 16.88 21.39
N THR C 284 6.34 17.23 20.17
CA THR C 284 5.10 17.96 19.91
C THR C 284 4.09 16.97 19.34
N TYR C 285 3.09 16.63 20.13
CA TYR C 285 2.07 15.66 19.71
C TYR C 285 1.03 16.38 18.86
N SER C 286 1.17 16.24 17.54
CA SER C 286 0.16 16.75 16.61
C SER C 286 -0.53 15.58 15.92
#